data_3JYG
#
_entry.id   3JYG
#
_cell.length_a   95.838
_cell.length_b   80.949
_cell.length_c   104.614
_cell.angle_alpha   90.000
_cell.angle_beta   113.240
_cell.angle_gamma   90.000
#
_symmetry.space_group_name_H-M   'P 1 21 1'
#
loop_
_entity.id
_entity.type
_entity.pdbx_description
1 polymer 'Uncharacterized protein'
2 non-polymer 'ZINC ION'
3 water water
#
_entity_poly.entity_id   1
_entity_poly.type   'polypeptide(L)'
_entity_poly.pdbx_seq_one_letter_code
;(MSE)SLIYQIAKEFDFCYGHRVWSQELNPDFSLDPCLSCRHLHGHQGKVIVHLESRELQRG(MSE)VTDFAHLNWFKRF
IDEVLDHRFIIDIDDPLFPTLLPHFADKSALVW(MSE)EEGYARVDFERIKGESSPILELYESFVVVRFVPTSESIASWL
LELLRSRIQPLGVKVSSVEFLETPKSRARVYNEGHHHHHH
;
_entity_poly.pdbx_strand_id   A,B,C,D,E,F
#
loop_
_chem_comp.id
_chem_comp.type
_chem_comp.name
_chem_comp.formula
ZN non-polymer 'ZINC ION' 'Zn 2'
#
# COMPACT_ATOMS: atom_id res chain seq x y z
N SER A 2 5.50 -24.10 26.27
CA SER A 2 4.80 -25.40 26.55
C SER A 2 3.90 -25.86 25.39
N LEU A 3 3.80 -27.17 25.21
CA LEU A 3 2.99 -27.73 24.12
C LEU A 3 1.70 -28.32 24.70
N ILE A 4 0.61 -28.20 23.93
CA ILE A 4 -0.63 -28.91 24.21
C ILE A 4 -0.89 -29.88 23.04
N TYR A 5 -1.31 -31.10 23.37
CA TYR A 5 -1.43 -32.16 22.37
C TYR A 5 -2.91 -32.47 22.25
N GLN A 6 -3.41 -32.55 21.02
CA GLN A 6 -4.82 -32.90 20.83
C GLN A 6 -4.95 -34.00 19.77
N ILE A 7 -6.01 -34.80 19.84
CA ILE A 7 -6.36 -35.67 18.71
C ILE A 7 -7.80 -35.37 18.37
N ALA A 8 -8.22 -35.59 17.12
CA ALA A 8 -9.60 -35.39 16.74
C ALA A 8 -10.03 -36.54 15.87
N LYS A 9 -11.26 -37.00 16.07
CA LYS A 9 -11.76 -38.07 15.23
C LYS A 9 -13.20 -37.80 14.84
N GLU A 10 -13.52 -38.13 13.59
CA GLU A 10 -14.82 -37.93 12.93
C GLU A 10 -15.69 -39.18 12.97
N PHE A 11 -17.01 -38.96 13.14
CA PHE A 11 -18.00 -40.04 13.16
C PHE A 11 -19.24 -39.57 12.38
N ASP A 12 -19.63 -40.34 11.37
CA ASP A 12 -20.71 -39.96 10.46
C ASP A 12 -21.99 -40.77 10.71
N PHE A 13 -23.15 -40.15 10.47
CA PHE A 13 -24.46 -40.82 10.52
C PHE A 13 -25.50 -40.00 9.79
N CYS A 14 -26.60 -40.65 9.44
CA CYS A 14 -27.74 -39.99 8.78
CA CYS A 14 -27.70 -39.90 8.84
C CYS A 14 -28.93 -40.06 9.72
N TYR A 15 -29.76 -39.02 9.73
CA TYR A 15 -30.90 -39.00 10.63
C TYR A 15 -31.98 -38.11 10.05
N GLY A 16 -33.22 -38.26 10.53
CA GLY A 16 -34.26 -37.24 10.26
C GLY A 16 -34.50 -36.41 11.53
N HIS A 17 -35.00 -35.20 11.37
CA HIS A 17 -35.41 -34.44 12.53
C HIS A 17 -36.27 -33.29 12.07
N ARG A 18 -36.73 -32.52 13.05
CA ARG A 18 -37.20 -31.18 12.79
C ARG A 18 -36.89 -30.32 14.02
N VAL A 19 -36.72 -29.03 13.79
CA VAL A 19 -36.44 -28.05 14.83
C VAL A 19 -37.73 -27.28 15.00
N TRP A 20 -38.50 -27.68 16.00
CA TRP A 20 -39.93 -27.34 16.06
C TRP A 20 -40.10 -25.86 16.47
N SER A 21 -39.14 -25.37 17.24
CA SER A 21 -39.19 -24.06 17.81
C SER A 21 -38.54 -22.96 16.95
N GLN A 22 -38.10 -23.27 15.74
CA GLN A 22 -37.36 -22.31 14.96
C GLN A 22 -38.11 -20.95 14.81
N GLU A 23 -37.43 -19.83 15.08
CA GLU A 23 -37.97 -18.50 14.68
C GLU A 23 -36.92 -17.68 13.92
N LEU A 24 -37.36 -16.84 12.98
CA LEU A 24 -36.42 -16.00 12.22
C LEU A 24 -36.68 -14.48 12.35
N ASN A 25 -35.58 -13.72 12.49
CA ASN A 25 -35.59 -12.27 12.26
C ASN A 25 -35.45 -12.01 10.74
N PRO A 26 -36.55 -11.57 10.09
CA PRO A 26 -36.53 -11.49 8.63
C PRO A 26 -35.61 -10.41 8.07
N ASP A 27 -35.08 -9.53 8.92
CA ASP A 27 -34.08 -8.53 8.47
C ASP A 27 -32.74 -9.19 8.09
N PHE A 28 -32.45 -10.33 8.74
CA PHE A 28 -31.17 -11.01 8.59
C PHE A 28 -31.32 -12.22 7.68
N SER A 29 -32.49 -12.87 7.77
CA SER A 29 -32.78 -14.08 7.01
C SER A 29 -33.35 -13.81 5.62
N LEU A 30 -33.95 -12.63 5.44
CA LEU A 30 -34.52 -12.14 4.17
C LEU A 30 -35.87 -12.83 3.84
N ASP A 31 -35.90 -14.15 3.98
CA ASP A 31 -37.09 -15.01 3.86
C ASP A 31 -37.62 -15.30 5.30
N PRO A 32 -38.92 -15.08 5.54
CA PRO A 32 -39.43 -15.48 6.88
C PRO A 32 -39.77 -16.99 7.01
N CYS A 33 -39.65 -17.76 5.93
CA CYS A 33 -40.11 -19.16 5.92
C CYS A 33 -39.37 -20.03 6.94
N LEU A 34 -40.14 -20.72 7.77
CA LEU A 34 -39.59 -21.55 8.87
C LEU A 34 -39.33 -23.00 8.46
N SER A 35 -38.49 -23.15 7.46
CA SER A 35 -38.25 -24.43 6.80
C SER A 35 -37.68 -25.54 7.71
N CYS A 36 -36.93 -25.16 8.76
CA CYS A 36 -36.38 -26.12 9.70
C CYS A 36 -37.49 -26.78 10.57
N ARG A 37 -38.69 -26.15 10.63
CA ARG A 37 -39.85 -26.79 11.28
C ARG A 37 -40.38 -27.98 10.44
N HIS A 38 -39.96 -28.08 9.19
CA HIS A 38 -40.39 -29.25 8.37
C HIS A 38 -39.71 -30.54 8.81
N LEU A 39 -40.42 -31.66 8.72
CA LEU A 39 -39.77 -32.97 8.80
C LEU A 39 -38.73 -33.02 7.69
N HIS A 40 -37.48 -33.24 8.06
CA HIS A 40 -36.40 -33.39 7.06
C HIS A 40 -35.29 -34.26 7.64
N GLY A 41 -34.09 -34.14 7.10
CA GLY A 41 -32.97 -34.94 7.54
C GLY A 41 -31.66 -34.35 7.09
N HIS A 42 -30.58 -35.06 7.44
CA HIS A 42 -29.21 -34.60 7.28
C HIS A 42 -28.24 -35.74 7.28
N GLN A 43 -27.09 -35.53 6.64
CA GLN A 43 -25.88 -36.28 6.92
C GLN A 43 -25.14 -35.51 8.03
N GLY A 44 -25.00 -36.13 9.20
CA GLY A 44 -24.38 -35.50 10.35
C GLY A 44 -22.93 -35.95 10.47
N LYS A 45 -22.07 -35.06 10.93
CA LYS A 45 -20.73 -35.51 11.30
C LYS A 45 -20.35 -35.02 12.69
N VAL A 46 -19.99 -35.93 13.58
CA VAL A 46 -19.50 -35.58 14.92
C VAL A 46 -17.96 -35.53 14.88
N ILE A 47 -17.35 -34.45 15.39
CA ILE A 47 -15.91 -34.43 15.57
C ILE A 47 -15.55 -34.23 17.04
N VAL A 48 -14.87 -35.22 17.63
CA VAL A 48 -14.50 -35.21 19.06
C VAL A 48 -13.03 -34.79 19.21
N HIS A 49 -12.75 -33.78 20.01
CA HIS A 49 -11.38 -33.33 20.24
C HIS A 49 -10.96 -33.66 21.65
N LEU A 50 -9.86 -34.42 21.78
CA LEU A 50 -9.42 -34.90 23.07
C LEU A 50 -8.06 -34.26 23.26
N GLU A 51 -7.68 -34.00 24.52
CA GLU A 51 -6.50 -33.19 24.84
C GLU A 51 -5.71 -33.68 26.07
N SER A 52 -4.38 -33.60 26.00
CA SER A 52 -3.51 -33.86 27.15
C SER A 52 -2.34 -32.88 27.12
N ARG A 53 -1.66 -32.78 28.26
CA ARG A 53 -0.48 -31.94 28.31
C ARG A 53 0.76 -32.75 28.13
N GLU A 54 0.66 -34.08 28.17
CA GLU A 54 1.82 -34.91 27.81
C GLU A 54 1.42 -36.07 26.93
N LEU A 55 2.32 -36.51 26.07
CA LEU A 55 2.13 -37.75 25.30
C LEU A 55 2.53 -38.95 26.15
N GLN A 56 1.71 -40.01 26.13
CA GLN A 56 2.05 -41.31 26.69
C GLN A 56 2.29 -42.26 25.54
N ARG A 57 3.46 -42.86 25.49
CA ARG A 57 3.77 -43.78 24.38
C ARG A 57 3.49 -43.09 23.02
N GLY A 58 3.85 -41.81 22.92
CA GLY A 58 3.67 -41.03 21.70
C GLY A 58 2.21 -40.68 21.40
N MSE A 59 1.30 -40.87 22.37
CA MSE A 59 -0.09 -40.56 22.13
C MSE A 59 -0.77 -39.69 23.16
O MSE A 59 -0.43 -39.70 24.34
CB MSE A 59 -0.88 -41.86 21.99
CG MSE A 59 -0.49 -42.68 20.78
SE MSE A 59 -1.61 -44.30 20.87
CE MSE A 59 -0.58 -45.29 19.54
N VAL A 60 -1.76 -38.95 22.71
CA VAL A 60 -2.73 -38.33 23.62
C VAL A 60 -3.47 -39.51 24.24
N THR A 61 -4.17 -40.24 23.37
CA THR A 61 -4.75 -41.55 23.68
C THR A 61 -4.99 -42.26 22.34
N ASP A 62 -5.06 -43.59 22.33
CA ASP A 62 -5.25 -44.29 21.05
C ASP A 62 -6.59 -43.88 20.41
N PHE A 63 -6.56 -43.49 19.12
CA PHE A 63 -7.80 -43.24 18.33
C PHE A 63 -8.87 -44.31 18.57
N ALA A 64 -8.47 -45.58 18.70
CA ALA A 64 -9.44 -46.68 18.92
C ALA A 64 -10.18 -46.61 20.25
N HIS A 65 -9.72 -45.73 21.14
CA HIS A 65 -10.38 -45.61 22.44
C HIS A 65 -11.67 -44.82 22.35
N LEU A 66 -12.06 -44.49 21.11
CA LEU A 66 -13.36 -43.86 20.87
C LEU A 66 -14.30 -44.84 20.12
N ASN A 67 -13.84 -46.10 20.00
CA ASN A 67 -14.67 -47.16 19.38
C ASN A 67 -16.04 -47.36 20.05
N TRP A 68 -16.09 -47.31 21.36
CA TRP A 68 -17.37 -47.38 22.09
C TRP A 68 -18.31 -46.23 21.70
N PHE A 69 -17.72 -45.11 21.31
CA PHE A 69 -18.51 -43.94 20.96
C PHE A 69 -19.00 -44.11 19.53
N LYS A 70 -18.13 -44.67 18.66
CA LYS A 70 -18.50 -45.10 17.33
C LYS A 70 -19.72 -46.03 17.37
N ARG A 71 -19.68 -47.01 18.26
CA ARG A 71 -20.73 -48.00 18.37
C ARG A 71 -22.05 -47.32 18.74
N PHE A 72 -21.99 -46.44 19.73
CA PHE A 72 -23.13 -45.60 20.10
C PHE A 72 -23.77 -44.81 18.92
N ILE A 73 -22.99 -44.06 18.18
CA ILE A 73 -23.48 -43.37 17.00
C ILE A 73 -24.13 -44.37 16.02
N ASP A 74 -23.44 -45.48 15.76
CA ASP A 74 -23.85 -46.48 14.76
C ASP A 74 -25.15 -47.22 15.21
N GLU A 75 -25.20 -47.58 16.49
CA GLU A 75 -26.27 -48.43 17.01
C GLU A 75 -27.47 -47.65 17.48
N VAL A 76 -27.25 -46.40 17.89
CA VAL A 76 -28.33 -45.59 18.46
C VAL A 76 -28.91 -44.50 17.56
N LEU A 77 -28.03 -43.73 16.88
CA LEU A 77 -28.44 -42.57 16.10
C LEU A 77 -28.55 -42.77 14.60
N ASP A 78 -27.76 -43.69 14.02
CA ASP A 78 -27.75 -43.78 12.55
C ASP A 78 -29.05 -44.35 12.02
N HIS A 79 -29.59 -43.74 10.96
CA HIS A 79 -30.84 -44.19 10.36
C HIS A 79 -32.02 -44.08 11.30
N ARG A 80 -32.05 -43.00 12.09
CA ARG A 80 -33.16 -42.80 13.03
C ARG A 80 -33.78 -41.43 12.84
N PHE A 81 -34.96 -41.21 13.42
CA PHE A 81 -35.53 -39.88 13.48
C PHE A 81 -35.42 -39.33 14.95
N ILE A 82 -34.74 -38.21 15.11
CA ILE A 82 -34.50 -37.66 16.48
C ILE A 82 -35.58 -36.64 16.79
N ILE A 83 -36.30 -36.87 17.89
CA ILE A 83 -37.45 -36.02 18.20
C ILE A 83 -37.39 -35.53 19.65
N ASP A 84 -37.64 -34.23 19.84
CA ASP A 84 -37.77 -33.66 21.17
C ASP A 84 -39.03 -34.28 21.84
N ILE A 85 -38.85 -34.84 23.04
CA ILE A 85 -40.00 -35.17 23.90
C ILE A 85 -41.07 -34.06 23.92
N ASP A 86 -40.66 -32.81 23.87
CA ASP A 86 -41.64 -31.73 23.96
C ASP A 86 -42.01 -31.11 22.66
N ASP A 87 -41.65 -31.74 21.56
CA ASP A 87 -42.15 -31.33 20.25
C ASP A 87 -43.67 -31.42 20.30
N PRO A 88 -44.38 -30.36 19.87
CA PRO A 88 -45.86 -30.37 19.87
C PRO A 88 -46.45 -31.47 18.99
N LEU A 89 -45.68 -31.95 18.03
CA LEU A 89 -46.12 -33.06 17.22
C LEU A 89 -45.86 -34.43 17.84
N PHE A 90 -45.18 -34.47 18.99
CA PHE A 90 -44.95 -35.78 19.65
C PHE A 90 -46.23 -36.68 19.63
N PRO A 91 -47.38 -36.19 20.16
CA PRO A 91 -48.60 -37.00 20.20
C PRO A 91 -49.15 -37.42 18.81
N THR A 92 -48.89 -36.59 17.80
CA THR A 92 -49.32 -36.83 16.42
C THR A 92 -48.47 -37.89 15.70
N LEU A 93 -47.16 -37.85 15.90
CA LEU A 93 -46.22 -38.76 15.26
C LEU A 93 -46.01 -40.02 16.04
N LEU A 94 -46.18 -39.98 17.35
CA LEU A 94 -46.18 -41.20 18.20
C LEU A 94 -47.50 -41.39 18.99
N PRO A 95 -48.64 -41.57 18.28
CA PRO A 95 -49.95 -41.62 18.92
C PRO A 95 -50.13 -42.72 19.96
N HIS A 96 -49.44 -43.86 19.80
CA HIS A 96 -49.50 -44.96 20.76
C HIS A 96 -48.81 -44.65 22.07
N PHE A 97 -48.07 -43.54 22.11
CA PHE A 97 -47.28 -43.15 23.27
C PHE A 97 -47.57 -41.67 23.58
N ALA A 98 -48.79 -41.23 23.34
CA ALA A 98 -49.14 -39.81 23.48
C ALA A 98 -48.97 -39.30 24.93
N ASP A 99 -49.04 -40.21 25.90
CA ASP A 99 -48.87 -39.81 27.30
C ASP A 99 -47.40 -39.74 27.71
N LYS A 100 -46.52 -40.20 26.80
CA LYS A 100 -45.07 -40.14 27.03
C LYS A 100 -44.66 -40.88 28.29
N SER A 101 -45.46 -41.85 28.75
CA SER A 101 -45.03 -42.61 29.92
C SER A 101 -44.23 -43.86 29.60
N ALA A 102 -44.62 -44.59 28.56
CA ALA A 102 -44.02 -45.91 28.31
C ALA A 102 -42.79 -45.74 27.43
N LEU A 103 -41.82 -44.95 27.92
CA LEU A 103 -40.57 -44.73 27.18
C LEU A 103 -39.48 -45.29 28.04
N VAL A 104 -38.46 -45.86 27.42
CA VAL A 104 -37.39 -46.47 28.16
C VAL A 104 -36.17 -45.56 28.04
N TRP A 105 -35.80 -44.89 29.14
CA TRP A 105 -34.72 -43.89 29.13
C TRP A 105 -33.46 -44.61 29.39
N MSE A 106 -32.46 -44.35 28.57
CA MSE A 106 -31.19 -45.01 28.70
C MSE A 106 -30.26 -44.11 29.45
O MSE A 106 -30.53 -42.92 29.61
CB MSE A 106 -30.66 -45.34 27.31
CG MSE A 106 -31.77 -45.87 26.41
SE MSE A 106 -32.39 -47.57 27.19
CE MSE A 106 -33.73 -48.01 25.81
N GLU A 107 -29.14 -44.64 29.91
CA GLU A 107 -28.17 -43.83 30.66
C GLU A 107 -27.70 -42.57 29.87
N GLU A 108 -27.49 -42.70 28.55
CA GLU A 108 -26.94 -41.59 27.75
C GLU A 108 -27.87 -40.38 27.59
N GLY A 109 -29.08 -40.49 28.13
CA GLY A 109 -30.06 -39.40 28.05
C GLY A 109 -30.86 -39.39 26.76
N TYR A 110 -31.22 -40.56 26.22
CA TYR A 110 -32.25 -40.60 25.17
C TYR A 110 -33.18 -41.74 25.59
N ALA A 111 -34.31 -41.80 24.89
CA ALA A 111 -35.26 -42.88 25.05
C ALA A 111 -35.65 -43.59 23.76
N ARG A 112 -36.02 -44.85 23.93
CA ARG A 112 -36.78 -45.59 22.92
C ARG A 112 -38.17 -45.89 23.47
N VAL A 113 -39.14 -46.14 22.60
CA VAL A 113 -40.45 -46.53 23.11
C VAL A 113 -40.33 -47.91 23.80
N ASP A 114 -41.22 -48.18 24.75
CA ASP A 114 -41.38 -49.50 25.32
C ASP A 114 -42.18 -50.29 24.28
N PHE A 115 -41.54 -51.25 23.64
CA PHE A 115 -42.22 -52.04 22.60
C PHE A 115 -43.29 -53.01 23.09
N GLU A 116 -43.24 -53.36 24.36
CA GLU A 116 -44.35 -54.10 25.00
C GLU A 116 -45.71 -53.47 24.73
N ARG A 117 -45.79 -52.15 24.74
CA ARG A 117 -47.10 -51.55 24.62
C ARG A 117 -47.69 -51.56 23.18
N ILE A 118 -46.86 -51.86 22.17
CA ILE A 118 -47.32 -51.95 20.76
C ILE A 118 -47.18 -53.34 20.13
N LYS A 119 -46.99 -54.33 21.00
CA LYS A 119 -46.93 -55.73 20.64
C LYS A 119 -48.22 -56.06 19.89
N GLY A 120 -48.09 -56.80 18.80
CA GLY A 120 -49.27 -57.09 17.97
C GLY A 120 -49.72 -55.98 17.00
N GLU A 121 -49.08 -54.81 17.01
CA GLU A 121 -49.31 -53.80 15.97
C GLU A 121 -48.68 -54.30 14.67
N SER A 122 -49.15 -53.79 13.53
CA SER A 122 -48.65 -54.23 12.21
C SER A 122 -47.16 -53.99 12.03
N SER A 123 -46.58 -54.72 11.09
CA SER A 123 -45.15 -54.56 10.80
C SER A 123 -44.69 -53.13 10.53
N PRO A 124 -45.44 -52.39 9.67
CA PRO A 124 -45.05 -51.01 9.39
C PRO A 124 -45.12 -50.12 10.61
N ILE A 125 -46.04 -50.43 11.52
CA ILE A 125 -46.20 -49.63 12.72
C ILE A 125 -44.99 -49.84 13.63
N LEU A 126 -44.54 -51.07 13.74
CA LEU A 126 -43.29 -51.39 14.42
C LEU A 126 -42.05 -50.66 13.84
N GLU A 127 -41.94 -50.61 12.52
CA GLU A 127 -40.81 -49.96 11.84
C GLU A 127 -40.86 -48.47 12.13
N LEU A 128 -42.06 -47.92 12.24
CA LEU A 128 -42.21 -46.52 12.56
C LEU A 128 -41.64 -46.28 13.96
N TYR A 129 -42.10 -47.07 14.95
CA TYR A 129 -41.60 -46.87 16.34
C TYR A 129 -40.12 -47.24 16.60
N GLU A 130 -39.59 -48.20 15.82
CA GLU A 130 -38.14 -48.46 15.85
C GLU A 130 -37.32 -47.25 15.39
N SER A 131 -37.91 -46.36 14.58
CA SER A 131 -37.17 -45.17 14.09
C SER A 131 -36.79 -44.14 15.15
N PHE A 132 -37.60 -43.98 16.19
CA PHE A 132 -37.48 -42.77 17.02
C PHE A 132 -36.44 -42.83 18.12
N VAL A 133 -35.65 -41.75 18.22
CA VAL A 133 -34.74 -41.56 19.34
C VAL A 133 -35.29 -40.33 20.03
N VAL A 134 -35.73 -40.50 21.27
CA VAL A 134 -36.41 -39.41 21.94
C VAL A 134 -35.44 -38.72 22.87
N VAL A 135 -35.37 -37.38 22.79
CA VAL A 135 -34.36 -36.63 23.58
C VAL A 135 -35.02 -35.46 24.30
N ARG A 136 -34.38 -34.92 25.33
CA ARG A 136 -34.98 -33.82 26.09
C ARG A 136 -34.44 -32.45 25.68
N PHE A 137 -34.50 -32.12 24.38
CA PHE A 137 -33.99 -30.87 23.86
C PHE A 137 -34.42 -30.79 22.42
N VAL A 138 -34.47 -29.57 21.90
CA VAL A 138 -34.78 -29.37 20.47
C VAL A 138 -33.53 -29.78 19.73
N PRO A 139 -33.66 -30.75 18.80
CA PRO A 139 -32.42 -31.35 18.24
C PRO A 139 -31.74 -30.49 17.15
N THR A 140 -31.31 -29.28 17.53
CA THR A 140 -30.48 -28.42 16.70
C THR A 140 -29.07 -28.99 16.66
N SER A 141 -28.26 -28.56 15.69
CA SER A 141 -26.83 -28.87 15.69
C SER A 141 -26.14 -28.56 16.99
N GLU A 142 -26.36 -27.36 17.54
CA GLU A 142 -25.75 -26.97 18.84
C GLU A 142 -26.22 -27.84 19.99
N SER A 143 -27.49 -28.25 19.99
CA SER A 143 -27.98 -29.05 21.12
C SER A 143 -27.42 -30.45 21.04
N ILE A 144 -27.33 -30.98 19.82
CA ILE A 144 -26.69 -32.31 19.62
C ILE A 144 -25.20 -32.36 20.05
N ALA A 145 -24.46 -31.36 19.60
CA ALA A 145 -23.05 -31.19 19.99
C ALA A 145 -22.89 -31.12 21.52
N SER A 146 -23.69 -30.29 22.20
CA SER A 146 -23.68 -30.22 23.69
C SER A 146 -23.99 -31.52 24.38
N TRP A 147 -24.97 -32.26 23.85
CA TRP A 147 -25.40 -33.51 24.41
C TRP A 147 -24.27 -34.54 24.30
N LEU A 148 -23.63 -34.58 23.11
CA LEU A 148 -22.54 -35.57 22.92
C LEU A 148 -21.31 -35.17 23.70
N LEU A 149 -21.02 -33.88 23.79
CA LEU A 149 -20.02 -33.40 24.74
C LEU A 149 -20.30 -33.90 26.20
N GLU A 150 -21.54 -33.75 26.68
CA GLU A 150 -21.85 -34.25 28.04
C GLU A 150 -21.58 -35.72 28.15
N LEU A 151 -22.01 -36.47 27.14
CA LEU A 151 -21.88 -37.89 27.15
C LEU A 151 -20.37 -38.30 27.24
N LEU A 152 -19.54 -37.64 26.43
CA LEU A 152 -18.12 -37.94 26.38
C LEU A 152 -17.45 -37.50 27.67
N ARG A 153 -17.77 -36.31 28.15
CA ARG A 153 -17.14 -35.89 29.42
C ARG A 153 -17.35 -36.88 30.55
N SER A 154 -18.53 -37.51 30.59
CA SER A 154 -18.88 -38.35 31.74
C SER A 154 -18.25 -39.71 31.67
N ARG A 155 -17.78 -40.09 30.48
CA ARG A 155 -17.18 -41.42 30.22
C ARG A 155 -15.62 -41.47 30.08
N ILE A 156 -14.96 -40.41 29.60
CA ILE A 156 -13.53 -40.55 29.22
C ILE A 156 -12.47 -40.45 30.34
N GLN A 157 -12.89 -40.09 31.54
CA GLN A 157 -12.02 -40.08 32.71
C GLN A 157 -10.95 -41.19 32.81
N PRO A 158 -11.34 -42.49 32.72
CA PRO A 158 -10.28 -43.49 32.88
C PRO A 158 -9.20 -43.41 31.80
N LEU A 159 -9.37 -42.51 30.82
CA LEU A 159 -8.36 -42.38 29.76
C LEU A 159 -7.27 -41.36 30.07
N GLY A 160 -7.47 -40.60 31.14
CA GLY A 160 -6.49 -39.60 31.56
C GLY A 160 -6.42 -38.40 30.64
N VAL A 161 -7.42 -38.23 29.77
CA VAL A 161 -7.42 -37.11 28.83
C VAL A 161 -8.68 -36.24 29.04
N LYS A 162 -8.64 -34.99 28.61
CA LYS A 162 -9.81 -34.09 28.64
C LYS A 162 -10.57 -34.11 27.29
N VAL A 163 -11.89 -33.94 27.27
CA VAL A 163 -12.60 -33.60 26.02
C VAL A 163 -12.61 -32.08 25.85
N SER A 164 -11.90 -31.53 24.87
CA SER A 164 -11.79 -30.09 24.78
C SER A 164 -12.95 -29.45 24.03
N SER A 165 -13.44 -30.14 23.01
CA SER A 165 -14.71 -29.76 22.39
C SER A 165 -15.30 -30.86 21.51
N VAL A 166 -16.54 -30.64 21.08
CA VAL A 166 -17.18 -31.51 20.09
C VAL A 166 -17.76 -30.63 19.00
N GLU A 167 -17.56 -31.02 17.76
CA GLU A 167 -18.18 -30.32 16.64
C GLU A 167 -19.30 -31.20 16.10
N PHE A 168 -20.37 -30.55 15.66
CA PHE A 168 -21.41 -31.27 14.92
C PHE A 168 -21.75 -30.52 13.63
N LEU A 169 -21.45 -31.18 12.50
CA LEU A 169 -21.72 -30.64 11.18
C LEU A 169 -23.12 -31.10 10.74
N GLU A 170 -24.00 -30.12 10.54
CA GLU A 170 -25.36 -30.35 10.12
C GLU A 170 -25.37 -30.53 8.57
N THR A 171 -24.53 -29.74 7.89
CA THR A 171 -24.32 -29.83 6.45
C THR A 171 -22.81 -29.64 6.17
N PRO A 172 -22.37 -29.93 4.92
CA PRO A 172 -20.94 -29.68 4.75
C PRO A 172 -20.66 -28.20 4.92
N LYS A 173 -21.70 -27.38 4.82
CA LYS A 173 -21.52 -25.94 4.85
C LYS A 173 -21.72 -25.28 6.20
N SER A 174 -22.24 -26.01 7.18
CA SER A 174 -22.64 -25.33 8.41
C SER A 174 -22.48 -26.28 9.57
N ARG A 175 -21.94 -25.73 10.66
CA ARG A 175 -21.59 -26.55 11.80
C ARG A 175 -21.56 -25.78 13.12
N ALA A 176 -21.69 -26.55 14.18
CA ALA A 176 -21.68 -26.06 15.54
C ALA A 176 -20.49 -26.66 16.24
N ARG A 177 -20.06 -25.99 17.30
CA ARG A 177 -18.98 -26.46 18.10
C ARG A 177 -19.34 -26.01 19.53
N VAL A 178 -19.10 -26.92 20.46
CA VAL A 178 -19.23 -26.58 21.86
C VAL A 178 -17.88 -26.88 22.55
N TYR A 179 -17.35 -25.87 23.24
CA TYR A 179 -16.06 -25.92 23.86
C TYR A 179 -16.23 -26.16 25.36
N ASN A 180 -15.49 -27.15 25.84
CA ASN A 180 -15.43 -27.44 27.24
C ASN A 180 -14.36 -26.53 27.83
N GLU A 181 -14.81 -25.33 28.12
CA GLU A 181 -14.09 -24.26 28.82
C GLU A 181 -14.21 -22.94 28.09
N SER B 2 -17.18 -23.28 32.10
CA SER B 2 -18.15 -22.52 31.28
C SER B 2 -18.11 -23.13 29.89
N LEU B 3 -19.27 -23.46 29.35
CA LEU B 3 -19.29 -23.89 27.96
C LEU B 3 -19.30 -22.67 27.07
N ILE B 4 -18.60 -22.76 25.94
CA ILE B 4 -18.75 -21.79 24.86
C ILE B 4 -19.43 -22.47 23.67
N TYR B 5 -20.43 -21.80 23.13
CA TYR B 5 -21.15 -22.29 21.96
C TYR B 5 -20.79 -21.49 20.72
N GLN B 6 -20.43 -22.20 19.66
CA GLN B 6 -20.14 -21.55 18.37
C GLN B 6 -20.92 -22.18 17.23
N ILE B 7 -21.22 -21.38 16.23
CA ILE B 7 -21.65 -21.93 14.94
C ILE B 7 -20.74 -21.36 13.83
N ALA B 8 -20.60 -22.09 12.72
CA ALA B 8 -19.79 -21.58 11.61
C ALA B 8 -20.51 -21.88 10.29
N LYS B 9 -20.60 -20.88 9.41
CA LYS B 9 -21.09 -21.12 8.05
C LYS B 9 -20.05 -20.72 6.96
N GLU B 10 -20.02 -21.50 5.87
CA GLU B 10 -19.19 -21.22 4.71
C GLU B 10 -19.98 -20.47 3.58
N PHE B 11 -19.31 -19.54 2.90
CA PHE B 11 -19.90 -18.81 1.73
C PHE B 11 -18.89 -18.84 0.64
N ASP B 12 -19.30 -19.25 -0.56
CA ASP B 12 -18.33 -19.40 -1.68
C ASP B 12 -18.49 -18.32 -2.75
N PHE B 13 -17.39 -17.88 -3.35
CA PHE B 13 -17.47 -17.01 -4.56
C PHE B 13 -16.19 -17.11 -5.38
N CYS B 14 -16.27 -16.74 -6.66
CA CYS B 14 -15.09 -16.69 -7.54
CA CYS B 14 -15.07 -16.70 -7.49
C CYS B 14 -14.74 -15.25 -7.87
N TYR B 15 -13.44 -14.95 -7.98
CA TYR B 15 -13.00 -13.59 -8.23
C TYR B 15 -11.64 -13.58 -8.92
N GLY B 16 -11.29 -12.45 -9.52
CA GLY B 16 -9.90 -12.20 -9.90
C GLY B 16 -9.26 -11.14 -8.96
N HIS B 17 -7.93 -11.15 -8.87
CA HIS B 17 -7.28 -10.07 -8.14
C HIS B 17 -5.81 -10.13 -8.53
N ARG B 18 -5.01 -9.21 -8.00
CA ARG B 18 -3.57 -9.51 -7.93
C ARG B 18 -3.07 -8.87 -6.65
N VAL B 19 -1.99 -9.42 -6.10
CA VAL B 19 -1.36 -8.88 -4.89
C VAL B 19 -0.14 -8.06 -5.31
N TRP B 20 -0.40 -6.78 -5.58
CA TRP B 20 0.58 -5.91 -6.28
C TRP B 20 1.90 -5.66 -5.49
N SER B 21 1.87 -5.80 -4.16
CA SER B 21 3.02 -5.46 -3.30
C SER B 21 3.84 -6.68 -2.86
N GLN B 22 3.46 -7.87 -3.32
CA GLN B 22 4.04 -9.13 -2.85
C GLN B 22 5.58 -9.01 -2.91
N GLU B 23 6.25 -9.31 -1.79
CA GLU B 23 7.73 -9.41 -1.75
C GLU B 23 8.09 -10.77 -1.18
N LEU B 24 9.18 -11.35 -1.64
CA LEU B 24 9.58 -12.68 -1.14
C LEU B 24 11.00 -12.73 -0.69
N ASN B 25 11.24 -13.58 0.32
CA ASN B 25 12.58 -13.92 0.76
C ASN B 25 12.94 -15.27 0.10
N PRO B 26 13.84 -15.26 -0.91
CA PRO B 26 14.10 -16.48 -1.69
C PRO B 26 14.71 -17.63 -0.90
N ASP B 27 15.31 -17.34 0.26
CA ASP B 27 15.78 -18.40 1.20
C ASP B 27 14.62 -19.31 1.65
N PHE B 28 13.42 -18.74 1.60
CA PHE B 28 12.23 -19.45 2.06
C PHE B 28 11.32 -19.86 0.90
N SER B 29 11.11 -18.94 -0.07
CA SER B 29 10.32 -19.28 -1.24
C SER B 29 11.07 -20.14 -2.26
N LEU B 30 12.41 -20.13 -2.24
CA LEU B 30 13.25 -20.94 -3.15
C LEU B 30 13.31 -20.36 -4.56
N ASP B 31 12.15 -19.99 -5.08
CA ASP B 31 11.96 -19.29 -6.36
C ASP B 31 11.69 -17.80 -6.03
N PRO B 32 12.50 -16.85 -6.56
CA PRO B 32 12.16 -15.42 -6.29
C PRO B 32 10.99 -14.82 -7.12
N CYS B 33 10.41 -15.57 -8.07
CA CYS B 33 9.36 -15.02 -8.95
C CYS B 33 8.13 -14.49 -8.16
N LEU B 34 7.75 -13.23 -8.43
CA LEU B 34 6.60 -12.60 -7.73
C LEU B 34 5.24 -12.91 -8.39
N SER B 35 4.91 -14.19 -8.40
CA SER B 35 3.70 -14.73 -9.09
C SER B 35 2.37 -14.16 -8.62
N CYS B 36 2.26 -13.73 -7.35
CA CYS B 36 0.99 -13.10 -6.90
C CYS B 36 0.81 -11.67 -7.47
N ARG B 37 1.88 -11.08 -8.04
CA ARG B 37 1.74 -9.81 -8.75
C ARG B 37 1.09 -9.97 -10.13
N HIS B 38 0.99 -11.20 -10.62
CA HIS B 38 0.23 -11.47 -11.84
C HIS B 38 -1.28 -11.33 -11.65
N LEU B 39 -1.98 -10.82 -12.68
CA LEU B 39 -3.46 -10.91 -12.71
C LEU B 39 -3.80 -12.40 -12.68
N HIS B 40 -4.57 -12.80 -11.67
CA HIS B 40 -5.06 -14.16 -11.61
C HIS B 40 -6.41 -14.18 -10.92
N GLY B 41 -6.71 -15.24 -10.21
CA GLY B 41 -8.06 -15.50 -9.75
C GLY B 41 -8.10 -16.69 -8.85
N HIS B 42 -9.22 -16.80 -8.13
CA HIS B 42 -9.35 -17.86 -7.16
C HIS B 42 -10.81 -18.25 -6.99
N GLN B 43 -10.98 -19.44 -6.43
CA GLN B 43 -12.25 -19.83 -5.82
C GLN B 43 -12.15 -19.56 -4.32
N GLY B 44 -12.87 -18.57 -3.84
CA GLY B 44 -12.76 -18.16 -2.43
C GLY B 44 -13.80 -18.84 -1.54
N LYS B 45 -13.50 -19.03 -0.26
CA LYS B 45 -14.51 -19.48 0.66
C LYS B 45 -14.29 -18.68 1.92
N VAL B 46 -15.37 -18.05 2.39
CA VAL B 46 -15.42 -17.29 3.65
C VAL B 46 -16.12 -18.23 4.65
N ILE B 47 -15.57 -18.31 5.85
CA ILE B 47 -16.17 -19.08 6.90
C ILE B 47 -16.28 -18.13 8.08
N VAL B 48 -17.53 -17.89 8.49
CA VAL B 48 -17.92 -16.99 9.55
C VAL B 48 -18.22 -17.77 10.82
N HIS B 49 -17.54 -17.44 11.92
CA HIS B 49 -17.73 -18.11 13.19
C HIS B 49 -18.41 -17.15 14.17
N LEU B 50 -19.58 -17.55 14.67
CA LEU B 50 -20.33 -16.75 15.64
C LEU B 50 -20.36 -17.49 16.96
N GLU B 51 -20.42 -16.75 18.06
CA GLU B 51 -20.22 -17.33 19.39
C GLU B 51 -21.22 -16.76 20.40
N SER B 52 -21.71 -17.64 21.30
CA SER B 52 -22.51 -17.23 22.44
C SER B 52 -22.06 -17.97 23.71
N ARG B 53 -22.48 -17.45 24.85
CA ARG B 53 -22.21 -18.12 26.12
C ARG B 53 -23.44 -18.87 26.55
N GLU B 54 -24.49 -18.81 25.76
CA GLU B 54 -25.68 -19.60 26.06
C GLU B 54 -26.41 -19.91 24.77
N LEU B 55 -27.25 -20.93 24.78
CA LEU B 55 -28.15 -21.18 23.65
C LEU B 55 -29.54 -20.60 23.88
N GLN B 56 -30.13 -20.04 22.82
CA GLN B 56 -31.51 -19.52 22.85
C GLN B 56 -32.29 -20.38 21.90
N ARG B 57 -33.25 -21.10 22.44
CA ARG B 57 -34.04 -22.04 21.63
C ARG B 57 -33.12 -23.04 20.95
N GLY B 58 -32.08 -23.46 21.67
CA GLY B 58 -31.12 -24.45 21.21
C GLY B 58 -30.09 -23.94 20.21
N MSE B 59 -30.00 -22.62 20.06
CA MSE B 59 -29.18 -22.04 18.99
C MSE B 59 -28.26 -20.96 19.52
O MSE B 59 -28.60 -20.23 20.47
CB MSE B 59 -30.06 -21.43 17.92
CG MSE B 59 -30.86 -22.44 17.13
SE MSE B 59 -31.71 -21.53 15.63
CE MSE B 59 -32.88 -22.95 15.04
N VAL B 60 -27.10 -20.82 18.86
CA VAL B 60 -26.29 -19.64 19.01
C VAL B 60 -27.08 -18.49 18.37
N THR B 61 -27.32 -18.60 17.05
CA THR B 61 -28.37 -17.89 16.35
C THR B 61 -28.67 -18.73 15.08
N ASP B 62 -29.82 -18.54 14.45
CA ASP B 62 -30.16 -19.34 13.26
C ASP B 62 -29.16 -19.14 12.08
N PHE B 63 -28.80 -20.25 11.42
CA PHE B 63 -27.90 -20.19 10.25
C PHE B 63 -28.44 -19.25 9.19
N ALA B 64 -29.77 -19.18 9.06
CA ALA B 64 -30.37 -18.33 8.04
C ALA B 64 -30.16 -16.84 8.32
N HIS B 65 -29.60 -16.51 9.49
CA HIS B 65 -29.43 -15.10 9.89
C HIS B 65 -28.20 -14.48 9.27
N LEU B 66 -27.45 -15.30 8.53
CA LEU B 66 -26.35 -14.76 7.75
C LEU B 66 -26.76 -14.68 6.28
N ASN B 67 -28.07 -14.71 6.03
CA ASN B 67 -28.57 -14.71 4.65
C ASN B 67 -28.24 -13.40 3.90
N TRP B 68 -28.33 -12.27 4.59
CA TRP B 68 -27.94 -10.95 4.06
C TRP B 68 -26.45 -10.84 3.63
N PHE B 69 -25.62 -11.66 4.29
CA PHE B 69 -24.20 -11.63 4.05
C PHE B 69 -23.93 -12.48 2.84
N LYS B 70 -24.68 -13.59 2.71
CA LYS B 70 -24.62 -14.44 1.53
C LYS B 70 -24.99 -13.53 0.37
N ARG B 71 -26.01 -12.72 0.58
CA ARG B 71 -26.47 -11.84 -0.50
C ARG B 71 -25.39 -10.84 -0.89
N PHE B 72 -24.73 -10.25 0.13
CA PHE B 72 -23.57 -9.39 -0.11
C PHE B 72 -22.48 -10.09 -0.93
N ILE B 73 -22.02 -11.27 -0.48
CA ILE B 73 -21.00 -12.05 -1.19
C ILE B 73 -21.45 -12.31 -2.66
N ASP B 74 -22.70 -12.72 -2.83
CA ASP B 74 -23.25 -13.04 -4.17
C ASP B 74 -23.36 -11.83 -5.09
N GLU B 75 -23.91 -10.73 -4.56
CA GLU B 75 -24.29 -9.57 -5.38
C GLU B 75 -23.17 -8.59 -5.59
N VAL B 76 -22.16 -8.63 -4.71
CA VAL B 76 -21.11 -7.65 -4.73
C VAL B 76 -19.77 -8.23 -5.15
N LEU B 77 -19.43 -9.42 -4.65
CA LEU B 77 -18.08 -9.97 -4.86
C LEU B 77 -17.93 -11.09 -5.87
N ASP B 78 -18.98 -11.92 -6.08
CA ASP B 78 -18.82 -13.09 -6.93
C ASP B 78 -18.69 -12.69 -8.41
N HIS B 79 -17.79 -13.33 -9.13
CA HIS B 79 -17.53 -13.01 -10.55
C HIS B 79 -17.12 -11.56 -10.76
N ARG B 80 -16.15 -11.09 -9.97
CA ARG B 80 -15.70 -9.70 -9.98
C ARG B 80 -14.18 -9.75 -9.96
N PHE B 81 -13.56 -8.62 -10.30
CA PHE B 81 -12.12 -8.47 -10.13
C PHE B 81 -11.90 -7.44 -8.99
N ILE B 82 -11.24 -7.87 -7.91
CA ILE B 82 -11.01 -7.05 -6.72
C ILE B 82 -9.67 -6.36 -6.83
N ILE B 83 -9.67 -5.01 -6.84
CA ILE B 83 -8.45 -4.27 -7.12
C ILE B 83 -8.18 -3.22 -6.04
N ASP B 84 -6.95 -3.12 -5.56
CA ASP B 84 -6.55 -2.04 -4.60
C ASP B 84 -6.57 -0.69 -5.35
N ILE B 85 -7.22 0.29 -4.74
CA ILE B 85 -7.17 1.62 -5.27
C ILE B 85 -5.72 2.14 -5.36
N ASP B 86 -4.84 1.65 -4.49
CA ASP B 86 -3.44 2.05 -4.50
C ASP B 86 -2.63 1.17 -5.47
N ASP B 87 -3.24 0.14 -6.06
CA ASP B 87 -2.53 -0.66 -7.10
C ASP B 87 -1.95 0.27 -8.20
N PRO B 88 -0.63 0.16 -8.50
CA PRO B 88 -0.05 1.05 -9.51
C PRO B 88 -0.54 0.79 -10.93
N LEU B 89 -1.13 -0.38 -11.15
CA LEU B 89 -1.85 -0.63 -12.42
C LEU B 89 -3.27 -0.11 -12.49
N PHE B 90 -3.74 0.56 -11.45
CA PHE B 90 -5.09 1.15 -11.47
C PHE B 90 -5.39 2.05 -12.71
N PRO B 91 -4.50 3.06 -13.03
CA PRO B 91 -4.81 3.88 -14.24
C PRO B 91 -4.64 3.12 -15.54
N THR B 92 -3.98 1.96 -15.51
CA THR B 92 -3.75 1.17 -16.72
C THR B 92 -4.91 0.24 -17.00
N LEU B 93 -5.47 -0.33 -15.94
CA LEU B 93 -6.59 -1.23 -16.08
C LEU B 93 -7.93 -0.49 -16.03
N LEU B 94 -7.93 0.71 -15.45
CA LEU B 94 -9.17 1.50 -15.39
C LEU B 94 -8.93 2.87 -16.02
N PRO B 95 -8.51 2.88 -17.28
CA PRO B 95 -8.04 4.17 -17.77
C PRO B 95 -9.08 5.27 -17.87
N HIS B 96 -10.36 4.92 -17.95
CA HIS B 96 -11.43 5.93 -17.94
C HIS B 96 -11.62 6.53 -16.57
N PHE B 97 -11.01 5.93 -15.54
CA PHE B 97 -11.12 6.41 -14.15
C PHE B 97 -9.75 6.69 -13.45
N ALA B 98 -8.76 7.07 -14.25
CA ALA B 98 -7.40 7.24 -13.76
C ALA B 98 -7.30 8.27 -12.65
N ASP B 99 -8.08 9.35 -12.71
CA ASP B 99 -7.84 10.39 -11.72
C ASP B 99 -8.62 10.09 -10.45
N LYS B 100 -9.25 8.92 -10.41
CA LYS B 100 -9.95 8.43 -9.24
C LYS B 100 -11.10 9.31 -8.78
N SER B 101 -11.68 10.06 -9.71
CA SER B 101 -12.67 11.05 -9.27
C SER B 101 -14.11 10.52 -9.24
N ALA B 102 -14.44 9.69 -10.20
CA ALA B 102 -15.81 9.22 -10.30
C ALA B 102 -15.96 7.76 -9.82
N LEU B 103 -15.59 7.52 -8.55
CA LEU B 103 -15.84 6.27 -7.85
C LEU B 103 -16.94 6.47 -6.83
N VAL B 104 -17.85 5.50 -6.75
CA VAL B 104 -18.98 5.55 -5.84
C VAL B 104 -18.73 4.60 -4.66
N TRP B 105 -18.41 5.16 -3.50
CA TRP B 105 -18.07 4.33 -2.30
C TRP B 105 -19.33 3.92 -1.61
N MSE B 106 -19.44 2.63 -1.30
CA MSE B 106 -20.59 2.12 -0.57
C MSE B 106 -20.26 1.99 0.91
O MSE B 106 -19.12 2.11 1.32
CB MSE B 106 -21.08 0.77 -1.11
CG MSE B 106 -21.03 0.65 -2.55
SE MSE B 106 -22.09 1.98 -3.48
CE MSE B 106 -21.30 1.65 -5.24
N GLU B 107 -21.29 1.73 1.70
CA GLU B 107 -21.14 1.68 3.14
C GLU B 107 -20.19 0.59 3.61
N GLU B 108 -20.22 -0.55 2.90
CA GLU B 108 -19.39 -1.69 3.25
C GLU B 108 -17.88 -1.44 3.02
N GLY B 109 -17.54 -0.27 2.47
CA GLY B 109 -16.14 0.08 2.30
C GLY B 109 -15.49 -0.10 0.94
N TYR B 110 -16.19 -0.69 -0.04
CA TYR B 110 -15.68 -0.83 -1.42
C TYR B 110 -16.34 0.24 -2.34
N ALA B 111 -15.81 0.35 -3.56
CA ALA B 111 -16.30 1.26 -4.60
C ALA B 111 -16.60 0.53 -5.89
N ARG B 112 -17.58 1.06 -6.60
CA ARG B 112 -17.85 0.76 -8.02
C ARG B 112 -17.59 2.05 -8.78
N VAL B 113 -17.23 1.94 -10.07
CA VAL B 113 -17.02 3.15 -10.86
C VAL B 113 -18.37 3.83 -11.04
N ASP B 114 -18.37 5.14 -11.32
CA ASP B 114 -19.60 5.80 -11.71
C ASP B 114 -19.91 5.55 -13.19
N PHE B 115 -20.93 4.77 -13.48
CA PHE B 115 -21.16 4.36 -14.88
C PHE B 115 -21.63 5.49 -15.78
N GLU B 116 -22.15 6.54 -15.16
CA GLU B 116 -22.54 7.75 -15.88
C GLU B 116 -21.36 8.29 -16.69
N ARG B 117 -20.15 8.13 -16.14
CA ARG B 117 -18.95 8.68 -16.77
C ARG B 117 -18.58 7.92 -18.05
N ILE B 118 -19.09 6.71 -18.22
CA ILE B 118 -18.78 5.88 -19.40
C ILE B 118 -20.01 5.52 -20.22
N LYS B 119 -21.09 6.28 -20.03
CA LYS B 119 -22.24 6.22 -20.93
C LYS B 119 -21.73 6.34 -22.38
N GLY B 120 -22.36 5.64 -23.30
CA GLY B 120 -21.87 5.72 -24.68
C GLY B 120 -20.50 5.11 -24.97
N GLU B 121 -19.92 4.39 -24.00
CA GLU B 121 -18.82 3.46 -24.32
C GLU B 121 -19.40 2.15 -24.83
N SER B 122 -18.63 1.42 -25.63
CA SER B 122 -19.04 0.11 -26.17
C SER B 122 -19.35 -0.92 -25.08
N SER B 123 -20.19 -1.88 -25.43
CA SER B 123 -20.53 -3.00 -24.56
C SER B 123 -19.37 -3.72 -23.84
N PRO B 124 -18.27 -4.05 -24.57
CA PRO B 124 -17.15 -4.72 -23.88
C PRO B 124 -16.52 -3.81 -22.81
N ILE B 125 -16.49 -2.51 -23.08
CA ILE B 125 -15.97 -1.54 -22.11
C ILE B 125 -16.87 -1.53 -20.86
N LEU B 126 -18.20 -1.50 -21.02
CA LEU B 126 -19.11 -1.59 -19.86
C LEU B 126 -18.92 -2.88 -19.05
N GLU B 127 -18.69 -3.98 -19.75
CA GLU B 127 -18.49 -5.28 -19.08
C GLU B 127 -17.23 -5.23 -18.23
N LEU B 128 -16.17 -4.69 -18.82
CA LEU B 128 -14.92 -4.45 -18.15
C LEU B 128 -15.20 -3.71 -16.85
N TYR B 129 -15.85 -2.56 -16.91
CA TYR B 129 -15.98 -1.75 -15.68
C TYR B 129 -16.94 -2.33 -14.67
N GLU B 130 -17.99 -3.02 -15.12
CA GLU B 130 -18.86 -3.80 -14.23
C GLU B 130 -18.05 -4.79 -13.38
N SER B 131 -16.85 -5.13 -13.83
CA SER B 131 -16.05 -6.22 -13.18
C SER B 131 -15.41 -5.78 -11.88
N PHE B 132 -15.12 -4.47 -11.73
CA PHE B 132 -14.20 -4.07 -10.69
C PHE B 132 -14.85 -3.75 -9.39
N VAL B 133 -14.31 -4.39 -8.35
CA VAL B 133 -14.65 -4.05 -6.94
C VAL B 133 -13.39 -3.37 -6.37
N VAL B 134 -13.47 -2.08 -6.08
CA VAL B 134 -12.31 -1.34 -5.64
C VAL B 134 -12.32 -1.22 -4.12
N VAL B 135 -11.19 -1.61 -3.51
CA VAL B 135 -11.04 -1.68 -2.08
C VAL B 135 -9.84 -0.85 -1.67
N ARG B 136 -9.78 -0.48 -0.41
CA ARG B 136 -8.70 0.37 0.07
C ARG B 136 -7.72 -0.48 0.85
N PHE B 137 -7.28 -1.60 0.25
CA PHE B 137 -6.31 -2.52 0.90
C PHE B 137 -5.76 -3.49 -0.15
N VAL B 138 -4.58 -4.06 0.08
CA VAL B 138 -4.06 -5.02 -0.86
C VAL B 138 -4.91 -6.27 -0.68
N PRO B 139 -5.59 -6.74 -1.75
CA PRO B 139 -6.53 -7.86 -1.56
C PRO B 139 -5.95 -9.25 -1.28
N THR B 140 -5.18 -9.38 -0.18
CA THR B 140 -4.64 -10.68 0.21
C THR B 140 -5.79 -11.40 0.93
N SER B 141 -5.64 -12.70 1.15
CA SER B 141 -6.58 -13.46 1.98
C SER B 141 -6.71 -12.88 3.36
N GLU B 142 -5.58 -12.48 3.98
CA GLU B 142 -5.63 -11.89 5.33
C GLU B 142 -6.40 -10.57 5.32
N SER B 143 -6.15 -9.78 4.30
CA SER B 143 -6.87 -8.50 4.18
C SER B 143 -8.35 -8.63 3.95
N ILE B 144 -8.72 -9.50 3.01
CA ILE B 144 -10.11 -9.72 2.76
C ILE B 144 -10.83 -10.20 4.03
N ALA B 145 -10.21 -11.14 4.74
CA ALA B 145 -10.76 -11.72 5.95
C ALA B 145 -10.98 -10.64 7.01
N SER B 146 -10.00 -9.76 7.20
CA SER B 146 -10.11 -8.61 8.16
C SER B 146 -11.25 -7.70 7.78
N TRP B 147 -11.42 -7.46 6.50
CA TRP B 147 -12.50 -6.56 6.02
C TRP B 147 -13.85 -7.15 6.24
N LEU B 148 -14.00 -8.45 5.94
CA LEU B 148 -15.29 -9.11 6.18
C LEU B 148 -15.56 -9.22 7.70
N LEU B 149 -14.52 -9.44 8.49
CA LEU B 149 -14.70 -9.39 9.95
C LEU B 149 -15.23 -7.99 10.40
N GLU B 150 -14.64 -6.90 9.89
CA GLU B 150 -15.14 -5.56 10.21
C GLU B 150 -16.65 -5.37 9.86
N LEU B 151 -17.04 -5.73 8.62
CA LEU B 151 -18.44 -5.66 8.15
C LEU B 151 -19.42 -6.44 9.02
N LEU B 152 -19.08 -7.70 9.31
CA LEU B 152 -19.90 -8.57 10.14
C LEU B 152 -20.09 -8.00 11.52
N ARG B 153 -18.99 -7.51 12.09
CA ARG B 153 -19.05 -6.95 13.43
C ARG B 153 -20.02 -5.79 13.53
N SER B 154 -20.09 -4.98 12.47
CA SER B 154 -20.88 -3.74 12.47
C SER B 154 -22.37 -3.99 12.38
N ARG B 155 -22.75 -5.22 12.05
CA ARG B 155 -24.11 -5.53 11.61
C ARG B 155 -24.78 -6.66 12.41
N ILE B 156 -23.98 -7.44 13.13
CA ILE B 156 -24.42 -8.67 13.82
C ILE B 156 -24.95 -8.39 15.24
N GLN B 157 -24.69 -7.18 15.73
CA GLN B 157 -24.95 -6.92 17.14
C GLN B 157 -26.41 -7.15 17.56
N PRO B 158 -27.40 -6.73 16.75
CA PRO B 158 -28.82 -7.01 17.08
C PRO B 158 -29.15 -8.47 17.29
N LEU B 159 -28.31 -9.39 16.77
CA LEU B 159 -28.51 -10.83 16.98
C LEU B 159 -28.10 -11.33 18.39
N GLY B 160 -27.46 -10.49 19.17
CA GLY B 160 -27.01 -10.91 20.51
C GLY B 160 -25.88 -11.94 20.57
N VAL B 161 -25.14 -12.09 19.47
CA VAL B 161 -23.96 -13.00 19.45
C VAL B 161 -22.71 -12.24 19.03
N LYS B 162 -21.54 -12.84 19.22
CA LYS B 162 -20.29 -12.24 18.79
C LYS B 162 -19.73 -12.93 17.53
N VAL B 163 -19.07 -12.15 16.69
CA VAL B 163 -18.27 -12.74 15.60
C VAL B 163 -16.90 -13.07 16.16
N SER B 164 -16.58 -14.35 16.39
CA SER B 164 -15.28 -14.70 17.02
C SER B 164 -14.11 -14.76 16.03
N SER B 165 -14.39 -15.19 14.81
CA SER B 165 -13.40 -15.14 13.74
C SER B 165 -14.00 -15.29 12.36
N VAL B 166 -13.19 -14.92 11.37
CA VAL B 166 -13.51 -15.09 9.95
C VAL B 166 -12.31 -15.77 9.31
N GLU B 167 -12.59 -16.87 8.59
CA GLU B 167 -11.61 -17.52 7.73
C GLU B 167 -11.84 -17.13 6.30
N PHE B 168 -10.77 -17.00 5.53
CA PHE B 168 -10.87 -16.85 4.08
C PHE B 168 -9.94 -17.83 3.40
N LEU B 169 -10.49 -18.84 2.70
CA LEU B 169 -9.67 -19.83 2.00
C LEU B 169 -9.41 -19.36 0.58
N GLU B 170 -8.13 -19.19 0.23
CA GLU B 170 -7.74 -18.67 -1.05
C GLU B 170 -7.67 -19.82 -2.06
N THR B 171 -7.25 -20.97 -1.57
CA THR B 171 -7.29 -22.22 -2.31
C THR B 171 -7.70 -23.29 -1.28
N PRO B 172 -8.04 -24.49 -1.77
CA PRO B 172 -8.34 -25.56 -0.80
C PRO B 172 -7.17 -25.88 0.12
N LYS B 173 -5.94 -25.60 -0.28
CA LYS B 173 -4.80 -25.89 0.59
C LYS B 173 -4.24 -24.72 1.40
N SER B 174 -4.72 -23.50 1.18
CA SER B 174 -4.18 -22.34 1.89
C SER B 174 -5.26 -21.34 2.31
N ARG B 175 -5.15 -20.80 3.53
CA ARG B 175 -6.19 -19.95 4.08
CA ARG B 175 -6.21 -20.03 4.14
C ARG B 175 -5.67 -19.01 5.13
N ALA B 176 -6.47 -18.00 5.41
CA ALA B 176 -6.16 -16.99 6.39
C ALA B 176 -7.25 -17.06 7.45
N ARG B 177 -6.95 -16.65 8.67
CA ARG B 177 -7.96 -16.55 9.70
C ARG B 177 -7.65 -15.29 10.52
N VAL B 178 -8.68 -14.52 10.82
CA VAL B 178 -8.53 -13.41 11.73
C VAL B 178 -9.46 -13.62 12.92
N TYR B 179 -8.88 -13.66 14.13
CA TYR B 179 -9.63 -13.82 15.36
C TYR B 179 -9.90 -12.49 15.99
N ASN B 180 -11.14 -12.35 16.43
CA ASN B 180 -11.61 -11.22 17.20
C ASN B 180 -11.52 -11.61 18.69
N GLU B 181 -10.40 -11.24 19.32
CA GLU B 181 -10.16 -11.54 20.75
C GLU B 181 -10.94 -10.65 21.74
N SER C 2 0.45 25.91 -29.84
CA SER C 2 -0.50 26.88 -29.24
C SER C 2 -0.08 27.14 -27.78
N LEU C 3 -0.89 27.90 -27.02
CA LEU C 3 -0.55 28.21 -25.63
C LEU C 3 -1.12 27.19 -24.68
N ILE C 4 -0.41 26.93 -23.58
CA ILE C 4 -0.95 26.18 -22.46
C ILE C 4 -0.91 27.12 -21.21
N TYR C 5 -1.94 27.07 -20.36
CA TYR C 5 -2.04 28.05 -19.26
C TYR C 5 -1.93 27.25 -17.98
N GLN C 6 -1.10 27.71 -17.06
CA GLN C 6 -1.03 27.04 -15.76
C GLN C 6 -1.11 28.05 -14.63
N ILE C 7 -1.48 27.55 -13.44
CA ILE C 7 -1.27 28.36 -12.24
C ILE C 7 -0.65 27.45 -11.18
N ALA C 8 0.08 28.04 -10.25
CA ALA C 8 0.70 27.24 -9.20
C ALA C 8 0.47 27.95 -7.88
N LYS C 9 0.16 27.18 -6.83
CA LYS C 9 0.06 27.75 -5.46
C LYS C 9 0.84 26.91 -4.43
N GLU C 10 1.53 27.59 -3.49
CA GLU C 10 2.33 26.95 -2.43
C GLU C 10 1.51 26.80 -1.13
N PHE C 11 1.73 25.69 -0.42
CA PHE C 11 1.09 25.40 0.91
C PHE C 11 2.19 24.87 1.82
N ASP C 12 2.35 25.45 2.99
CA ASP C 12 3.43 25.05 3.89
C ASP C 12 2.92 24.37 5.11
N PHE C 13 3.72 23.46 5.67
CA PHE C 13 3.41 22.74 6.92
C PHE C 13 4.68 22.12 7.49
N CYS C 14 4.65 21.83 8.79
CA CYS C 14 5.78 21.21 9.48
CA CYS C 14 5.79 21.18 9.41
C CYS C 14 5.32 19.83 9.93
N TYR C 15 6.24 18.88 9.96
CA TYR C 15 5.83 17.52 10.31
C TYR C 15 7.03 16.77 10.74
N GLY C 16 6.82 15.66 11.41
CA GLY C 16 7.91 14.67 11.61
C GLY C 16 7.67 13.41 10.75
N HIS C 17 8.72 12.66 10.49
CA HIS C 17 8.62 11.39 9.81
C HIS C 17 9.93 10.62 9.97
N ARG C 18 9.92 9.40 9.48
CA ARG C 18 11.17 8.72 9.22
C ARG C 18 11.01 7.90 7.94
N VAL C 19 12.11 7.68 7.24
CA VAL C 19 12.09 6.86 6.02
C VAL C 19 12.73 5.54 6.38
N TRP C 20 11.87 4.61 6.83
CA TRP C 20 12.30 3.31 7.41
C TRP C 20 13.12 2.44 6.51
N SER C 21 12.88 2.56 5.21
CA SER C 21 13.46 1.65 4.23
C SER C 21 14.67 2.25 3.53
N GLN C 22 15.16 3.42 3.95
CA GLN C 22 16.25 4.01 3.21
C GLN C 22 17.48 3.07 3.03
N GLU C 23 17.95 2.93 1.78
CA GLU C 23 19.21 2.18 1.48
C GLU C 23 20.13 3.08 0.66
N LEU C 24 21.44 3.04 0.91
CA LEU C 24 22.34 3.94 0.17
C LEU C 24 23.42 3.20 -0.62
N ASN C 25 23.78 3.76 -1.77
CA ASN C 25 25.01 3.32 -2.48
C ASN C 25 26.20 4.23 -2.13
N PRO C 26 27.12 3.74 -1.25
CA PRO C 26 28.23 4.56 -0.75
C PRO C 26 29.19 5.10 -1.83
N ASP C 27 29.22 4.49 -3.02
CA ASP C 27 29.97 5.07 -4.17
C ASP C 27 29.41 6.44 -4.60
N PHE C 28 28.13 6.67 -4.27
CA PHE C 28 27.48 7.91 -4.64
C PHE C 28 27.31 8.85 -3.46
N SER C 29 26.96 8.27 -2.33
CA SER C 29 26.66 9.02 -1.11
C SER C 29 27.89 9.37 -0.29
N LEU C 30 28.98 8.59 -0.45
CA LEU C 30 30.24 8.82 0.29
C LEU C 30 30.21 8.50 1.78
N ASP C 31 29.01 8.29 2.32
CA ASP C 31 28.77 8.00 3.73
C ASP C 31 27.63 6.97 3.77
N PRO C 32 27.88 5.77 4.34
CA PRO C 32 26.80 4.78 4.33
C PRO C 32 25.67 5.05 5.36
N CYS C 33 25.88 6.04 6.24
CA CYS C 33 24.96 6.33 7.35
C CYS C 33 23.53 6.49 6.80
N LEU C 34 22.61 5.73 7.38
CA LEU C 34 21.24 5.70 6.90
C LEU C 34 20.37 6.69 7.72
N SER C 35 20.78 7.97 7.77
CA SER C 35 20.20 8.95 8.73
C SER C 35 18.73 9.31 8.50
N CYS C 36 18.22 9.09 7.29
CA CYS C 36 16.80 9.30 7.06
C CYS C 36 15.95 8.23 7.78
N ARG C 37 16.61 7.12 8.23
CA ARG C 37 15.90 6.15 9.11
C ARG C 37 15.73 6.64 10.57
N HIS C 38 16.35 7.77 10.94
CA HIS C 38 16.07 8.35 12.27
C HIS C 38 14.73 9.04 12.30
N LEU C 39 14.11 9.10 13.48
CA LEU C 39 12.96 9.95 13.65
C LEU C 39 13.47 11.38 13.51
N HIS C 40 12.86 12.15 12.62
CA HIS C 40 13.20 13.57 12.50
C HIS C 40 12.00 14.36 11.95
N GLY C 41 12.25 15.49 11.31
CA GLY C 41 11.19 16.31 10.77
C GLY C 41 11.70 17.29 9.74
N HIS C 42 10.81 18.16 9.23
CA HIS C 42 11.08 19.06 8.10
C HIS C 42 10.05 20.17 8.05
N GLN C 43 10.38 21.24 7.33
CA GLN C 43 9.41 22.23 6.89
C GLN C 43 9.07 21.79 5.48
N GLY C 44 7.81 21.48 5.24
CA GLY C 44 7.38 20.90 3.98
C GLY C 44 6.72 21.99 3.17
N LYS C 45 6.96 22.02 1.87
CA LYS C 45 6.19 22.98 1.02
C LYS C 45 5.58 22.24 -0.16
N VAL C 46 4.27 22.34 -0.33
CA VAL C 46 3.60 21.63 -1.45
C VAL C 46 3.34 22.69 -2.51
N ILE C 47 3.71 22.42 -3.76
CA ILE C 47 3.34 23.33 -4.84
C ILE C 47 2.45 22.58 -5.83
N VAL C 48 1.22 23.07 -6.01
CA VAL C 48 0.18 22.41 -6.88
C VAL C 48 0.11 23.16 -8.19
N HIS C 49 0.24 22.45 -9.31
CA HIS C 49 0.17 23.12 -10.60
C HIS C 49 -1.11 22.72 -11.31
N LEU C 50 -1.91 23.72 -11.71
CA LEU C 50 -3.20 23.41 -12.39
C LEU C 50 -3.10 23.94 -13.81
N GLU C 51 -3.72 23.22 -14.73
CA GLU C 51 -3.52 23.53 -16.15
C GLU C 51 -4.84 23.49 -16.93
N SER C 52 -5.00 24.42 -17.86
CA SER C 52 -6.13 24.36 -18.77
C SER C 52 -5.66 24.72 -20.19
N ARG C 53 -6.44 24.34 -21.20
CA ARG C 53 -6.13 24.68 -22.56
C ARG C 53 -6.66 26.06 -22.95
N GLU C 54 -7.51 26.64 -22.12
CA GLU C 54 -8.06 27.99 -22.40
C GLU C 54 -8.37 28.62 -21.06
N LEU C 55 -8.44 29.95 -21.06
CA LEU C 55 -8.83 30.72 -19.89
C LEU C 55 -10.33 30.93 -19.94
N GLN C 56 -10.96 30.99 -18.80
CA GLN C 56 -12.36 31.31 -18.68
C GLN C 56 -12.39 32.46 -17.68
N ARG C 57 -12.97 33.60 -18.06
CA ARG C 57 -12.93 34.83 -17.24
C ARG C 57 -11.50 35.18 -16.85
N GLY C 58 -10.60 34.96 -17.81
CA GLY C 58 -9.22 35.34 -17.66
C GLY C 58 -8.41 34.42 -16.76
N MSE C 59 -8.96 33.26 -16.36
CA MSE C 59 -8.32 32.39 -15.38
C MSE C 59 -8.22 30.95 -15.84
O MSE C 59 -9.09 30.48 -16.60
CB MSE C 59 -9.13 32.39 -14.06
CG MSE C 59 -9.08 33.71 -13.29
SE MSE C 59 -10.14 33.39 -11.68
CE MSE C 59 -10.30 35.29 -11.08
N VAL C 60 -7.21 30.23 -15.35
CA VAL C 60 -7.23 28.76 -15.33
C VAL C 60 -8.43 28.35 -14.47
N THR C 61 -8.32 28.59 -13.15
CA THR C 61 -9.43 28.53 -12.21
C THR C 61 -8.97 29.40 -11.08
N ASP C 62 -9.90 29.89 -10.26
CA ASP C 62 -9.52 30.81 -9.19
C ASP C 62 -8.56 30.11 -8.18
N PHE C 63 -7.48 30.81 -7.76
CA PHE C 63 -6.56 30.33 -6.69
C PHE C 63 -7.33 29.91 -5.45
N ALA C 64 -8.44 30.58 -5.17
CA ALA C 64 -9.18 30.24 -3.97
C ALA C 64 -9.83 28.89 -4.03
N HIS C 65 -9.89 28.32 -5.24
CA HIS C 65 -10.51 27.01 -5.41
C HIS C 65 -9.62 25.89 -4.81
N LEU C 66 -8.46 26.28 -4.26
CA LEU C 66 -7.66 25.33 -3.50
C LEU C 66 -7.78 25.55 -1.97
N ASN C 67 -8.72 26.38 -1.56
CA ASN C 67 -8.84 26.66 -0.11
C ASN C 67 -9.13 25.37 0.66
N TRP C 68 -10.01 24.51 0.12
CA TRP C 68 -10.26 23.19 0.77
C TRP C 68 -8.94 22.42 0.98
N PHE C 69 -8.01 22.57 0.03
CA PHE C 69 -6.75 21.84 0.11
C PHE C 69 -5.83 22.47 1.15
N LYS C 70 -5.79 23.80 1.18
CA LYS C 70 -5.15 24.50 2.31
C LYS C 70 -5.67 24.05 3.68
N ARG C 71 -6.98 23.90 3.80
CA ARG C 71 -7.58 23.44 5.06
C ARG C 71 -7.14 22.01 5.39
N PHE C 72 -7.09 21.14 4.37
CA PHE C 72 -6.62 19.76 4.54
C PHE C 72 -5.19 19.77 5.08
N ILE C 73 -4.31 20.54 4.45
CA ILE C 73 -2.95 20.64 4.91
C ILE C 73 -2.89 21.11 6.38
N ASP C 74 -3.59 22.20 6.66
CA ASP C 74 -3.55 22.81 7.99
C ASP C 74 -4.18 21.90 9.06
N GLU C 75 -5.29 21.22 8.75
CA GLU C 75 -6.03 20.49 9.81
C GLU C 75 -5.60 19.04 9.93
N VAL C 76 -4.96 18.54 8.88
CA VAL C 76 -4.59 17.11 8.88
C VAL C 76 -3.09 16.88 9.04
N LEU C 77 -2.27 17.67 8.34
CA LEU C 77 -0.88 17.31 8.25
C LEU C 77 0.03 18.18 9.09
N ASP C 78 -0.35 19.45 9.25
CA ASP C 78 0.54 20.37 9.96
C ASP C 78 0.70 19.97 11.42
N HIS C 79 1.95 19.95 11.88
CA HIS C 79 2.30 19.61 13.29
C HIS C 79 1.91 18.19 13.59
N ARG C 80 2.25 17.35 12.64
CA ARG C 80 1.99 15.93 12.82
C ARG C 80 3.22 15.08 12.57
N PHE C 81 3.09 13.81 12.92
CA PHE C 81 4.08 12.81 12.61
C PHE C 81 3.49 11.85 11.58
N ILE C 82 4.11 11.79 10.42
CA ILE C 82 3.60 10.92 9.37
C ILE C 82 4.33 9.57 9.41
N ILE C 83 3.57 8.46 9.55
CA ILE C 83 4.21 7.15 9.71
C ILE C 83 3.54 6.16 8.70
N ASP C 84 4.39 5.40 8.02
CA ASP C 84 3.94 4.27 7.23
C ASP C 84 3.33 3.18 8.15
N ILE C 85 2.11 2.76 7.85
CA ILE C 85 1.51 1.56 8.48
C ILE C 85 2.46 0.33 8.57
N ASP C 86 3.35 0.21 7.61
CA ASP C 86 4.28 -0.92 7.54
C ASP C 86 5.63 -0.56 8.02
N ASP C 87 5.77 0.59 8.68
CA ASP C 87 7.04 0.85 9.38
C ASP C 87 7.25 -0.26 10.45
N PRO C 88 8.46 -0.88 10.49
CA PRO C 88 8.66 -1.94 11.48
C PRO C 88 8.55 -1.43 12.90
N LEU C 89 8.65 -0.11 13.08
CA LEU C 89 8.54 0.50 14.40
C LEU C 89 7.11 0.85 14.70
N PHE C 90 6.19 0.68 13.73
CA PHE C 90 4.76 0.95 14.00
C PHE C 90 4.29 0.40 15.39
N PRO C 91 4.49 -0.92 15.69
CA PRO C 91 4.04 -1.45 17.01
C PRO C 91 4.75 -0.92 18.24
N THR C 92 6.01 -0.52 18.10
CA THR C 92 6.78 0.15 19.15
C THR C 92 6.30 1.59 19.43
N LEU C 93 6.06 2.34 18.36
CA LEU C 93 5.65 3.74 18.47
C LEU C 93 4.14 3.92 18.73
N LEU C 94 3.33 2.93 18.35
CA LEU C 94 1.89 2.93 18.66
C LEU C 94 1.47 1.65 19.40
N PRO C 95 2.04 1.42 20.62
CA PRO C 95 1.85 0.14 21.31
C PRO C 95 0.40 -0.23 21.60
N HIS C 96 -0.48 0.77 21.67
CA HIS C 96 -1.90 0.55 21.91
C HIS C 96 -2.63 0.13 20.67
N PHE C 97 -1.98 0.22 19.52
CA PHE C 97 -2.61 -0.13 18.22
C PHE C 97 -1.70 -1.10 17.45
N ALA C 98 -1.09 -2.01 18.20
CA ALA C 98 -0.06 -2.86 17.64
C ALA C 98 -0.58 -3.83 16.57
N ASP C 99 -1.87 -4.20 16.64
CA ASP C 99 -2.46 -5.09 15.64
C ASP C 99 -2.87 -4.33 14.39
N LYS C 100 -2.75 -2.99 14.48
CA LYS C 100 -3.12 -2.04 13.39
C LYS C 100 -4.56 -2.15 12.95
N SER C 101 -5.46 -2.62 13.79
CA SER C 101 -6.87 -2.70 13.36
C SER C 101 -7.76 -1.51 13.74
N ALA C 102 -7.50 -0.89 14.89
CA ALA C 102 -8.44 0.13 15.36
C ALA C 102 -7.94 1.48 14.84
N LEU C 103 -7.86 1.56 13.50
CA LEU C 103 -7.44 2.76 12.78
C LEU C 103 -8.63 3.23 12.00
N VAL C 104 -8.85 4.55 11.97
CA VAL C 104 -10.01 5.11 11.28
C VAL C 104 -9.50 5.72 9.97
N TRP C 105 -9.74 5.01 8.87
CA TRP C 105 -9.24 5.42 7.56
C TRP C 105 -10.15 6.49 6.99
N MSE C 106 -9.57 7.54 6.46
CA MSE C 106 -10.35 8.67 5.95
C MSE C 106 -10.39 8.59 4.42
O MSE C 106 -9.58 7.90 3.79
CB MSE C 106 -9.73 9.99 6.40
CG MSE C 106 -9.44 10.03 7.92
SE MSE C 106 -11.04 9.76 8.99
CE MSE C 106 -10.26 9.86 10.79
N GLU C 107 -11.32 9.33 3.83
CA GLU C 107 -11.47 9.31 2.37
C GLU C 107 -10.18 9.69 1.61
N GLU C 108 -9.40 10.64 2.15
CA GLU C 108 -8.11 11.04 1.51
C GLU C 108 -7.02 9.93 1.58
N GLY C 109 -7.27 8.87 2.32
CA GLY C 109 -6.34 7.73 2.25
C GLY C 109 -5.31 7.68 3.37
N TYR C 110 -5.48 8.52 4.38
CA TYR C 110 -4.69 8.41 5.62
C TYR C 110 -5.63 7.90 6.72
N ALA C 111 -5.05 7.45 7.83
CA ALA C 111 -5.83 7.17 9.00
C ALA C 111 -5.34 7.88 10.25
N ARG C 112 -6.26 8.02 11.20
CA ARG C 112 -5.92 8.33 12.56
C ARG C 112 -6.31 7.12 13.40
N VAL C 113 -5.73 7.03 14.60
CA VAL C 113 -6.20 6.00 15.54
C VAL C 113 -7.69 6.18 15.99
N ASP C 114 -8.34 5.06 16.34
CA ASP C 114 -9.62 5.08 17.04
C ASP C 114 -9.35 5.45 18.49
N PHE C 115 -9.76 6.66 18.88
CA PHE C 115 -9.57 7.16 20.24
C PHE C 115 -10.38 6.44 21.34
N GLU C 116 -11.45 5.74 20.94
CA GLU C 116 -12.23 4.91 21.87
C GLU C 116 -11.34 3.86 22.52
N ARG C 117 -10.38 3.35 21.77
CA ARG C 117 -9.47 2.34 22.29
C ARG C 117 -8.62 2.83 23.48
N ILE C 118 -8.43 4.15 23.60
CA ILE C 118 -7.51 4.76 24.58
C ILE C 118 -8.21 5.83 25.43
N LYS C 119 -9.53 5.69 25.52
CA LYS C 119 -10.34 6.52 26.38
C LYS C 119 -9.82 6.32 27.81
N GLY C 120 -9.68 7.39 28.55
CA GLY C 120 -9.09 7.24 29.89
C GLY C 120 -7.60 7.00 30.01
N GLU C 121 -6.85 6.97 28.90
CA GLU C 121 -5.38 7.04 29.02
C GLU C 121 -4.96 8.45 29.49
N SER C 122 -3.74 8.61 29.95
CA SER C 122 -3.31 9.93 30.45
C SER C 122 -3.22 10.96 29.34
N SER C 123 -3.21 12.23 29.71
CA SER C 123 -3.07 13.32 28.72
C SER C 123 -1.89 13.18 27.76
N PRO C 124 -0.70 12.86 28.30
CA PRO C 124 0.44 12.72 27.36
C PRO C 124 0.27 11.58 26.36
N ILE C 125 -0.31 10.49 26.81
CA ILE C 125 -0.65 9.39 25.91
C ILE C 125 -1.61 9.86 24.80
N LEU C 126 -2.64 10.64 25.15
CA LEU C 126 -3.54 11.18 24.13
C LEU C 126 -2.85 12.13 23.15
N GLU C 127 -1.91 12.95 23.66
CA GLU C 127 -1.12 13.86 22.81
C GLU C 127 -0.29 13.10 21.79
N LEU C 128 0.32 12.03 22.25
CA LEU C 128 1.11 11.19 21.39
C LEU C 128 0.22 10.70 20.24
N TYR C 129 -0.88 10.01 20.60
CA TYR C 129 -1.74 9.42 19.55
C TYR C 129 -2.39 10.45 18.63
N GLU C 130 -2.74 11.63 19.17
CA GLU C 130 -3.23 12.73 18.31
C GLU C 130 -2.16 13.15 17.23
N SER C 131 -0.87 12.82 17.48
CA SER C 131 0.21 13.23 16.57
C SER C 131 0.20 12.46 15.26
N PHE C 132 -0.29 11.22 15.31
CA PHE C 132 -0.07 10.31 14.16
C PHE C 132 -1.01 10.44 12.96
N VAL C 133 -0.38 10.59 11.80
CA VAL C 133 -1.04 10.49 10.47
C VAL C 133 -0.49 9.20 9.88
N VAL C 134 -1.35 8.19 9.78
CA VAL C 134 -0.88 6.89 9.28
C VAL C 134 -1.13 6.80 7.76
N VAL C 135 -0.15 6.38 6.98
CA VAL C 135 -0.27 6.33 5.53
C VAL C 135 0.15 4.95 5.03
N ARG C 136 -0.29 4.59 3.83
CA ARG C 136 0.03 3.28 3.22
C ARG C 136 1.22 3.44 2.27
N PHE C 137 2.26 4.15 2.67
CA PHE C 137 3.42 4.26 1.82
C PHE C 137 4.58 4.70 2.71
N VAL C 138 5.82 4.53 2.22
CA VAL C 138 6.93 5.07 2.99
C VAL C 138 6.93 6.58 2.74
N PRO C 139 6.89 7.40 3.81
CA PRO C 139 6.70 8.86 3.61
C PRO C 139 7.93 9.67 3.13
N THR C 140 8.51 9.27 2.00
CA THR C 140 9.52 10.06 1.29
C THR C 140 8.86 11.28 0.68
N SER C 141 9.67 12.27 0.27
CA SER C 141 9.10 13.46 -0.48
C SER C 141 8.35 13.06 -1.74
N GLU C 142 8.89 12.10 -2.49
CA GLU C 142 8.22 11.58 -3.75
C GLU C 142 6.90 10.90 -3.47
N SER C 143 6.82 10.09 -2.39
CA SER C 143 5.56 9.41 -2.06
C SER C 143 4.51 10.40 -1.59
N ILE C 144 4.95 11.41 -0.85
CA ILE C 144 4.01 12.44 -0.38
C ILE C 144 3.48 13.27 -1.55
N ALA C 145 4.38 13.66 -2.45
CA ALA C 145 3.98 14.38 -3.66
C ALA C 145 2.97 13.57 -4.47
N SER C 146 3.28 12.28 -4.70
CA SER C 146 2.39 11.37 -5.43
C SER C 146 1.08 11.23 -4.70
N TRP C 147 1.12 11.09 -3.38
CA TRP C 147 -0.15 10.98 -2.65
C TRP C 147 -1.05 12.22 -2.87
N LEU C 148 -0.45 13.40 -2.72
CA LEU C 148 -1.18 14.66 -2.76
C LEU C 148 -1.68 14.91 -4.18
N LEU C 149 -0.88 14.51 -5.15
CA LEU C 149 -1.35 14.45 -6.57
C LEU C 149 -2.59 13.61 -6.78
N GLU C 150 -2.64 12.40 -6.21
CA GLU C 150 -3.86 11.60 -6.28
C GLU C 150 -5.06 12.32 -5.66
N LEU C 151 -4.84 12.87 -4.47
CA LEU C 151 -5.94 13.56 -3.79
C LEU C 151 -6.52 14.69 -4.66
N LEU C 152 -5.63 15.52 -5.18
CA LEU C 152 -6.05 16.68 -5.93
C LEU C 152 -6.74 16.25 -7.22
N ARG C 153 -6.17 15.28 -7.93
CA ARG C 153 -6.78 14.78 -9.19
C ARG C 153 -8.21 14.30 -8.93
N SER C 154 -8.45 13.71 -7.76
CA SER C 154 -9.76 13.10 -7.49
C SER C 154 -10.81 14.09 -7.06
N ARG C 155 -10.37 15.26 -6.62
CA ARG C 155 -11.28 16.29 -6.11
C ARG C 155 -11.53 17.45 -7.08
N ILE C 156 -10.57 17.72 -7.93
CA ILE C 156 -10.53 18.90 -8.79
C ILE C 156 -11.38 18.82 -10.06
N GLN C 157 -11.86 17.61 -10.43
CA GLN C 157 -12.47 17.41 -11.76
C GLN C 157 -13.68 18.33 -12.05
N PRO C 158 -14.56 18.56 -11.06
CA PRO C 158 -15.63 19.52 -11.28
C PRO C 158 -15.16 20.90 -11.73
N LEU C 159 -13.88 21.24 -11.53
CA LEU C 159 -13.39 22.57 -11.92
C LEU C 159 -13.12 22.68 -13.42
N GLY C 160 -12.99 21.51 -14.07
CA GLY C 160 -12.61 21.42 -15.49
C GLY C 160 -11.20 21.89 -15.79
N VAL C 161 -10.28 21.63 -14.87
CA VAL C 161 -8.88 21.92 -15.13
C VAL C 161 -8.16 20.65 -14.70
N LYS C 162 -6.95 20.49 -15.16
CA LYS C 162 -6.11 19.35 -14.85
C LYS C 162 -5.09 19.68 -13.72
N VAL C 163 -4.79 18.71 -12.87
CA VAL C 163 -3.62 18.84 -12.03
C VAL C 163 -2.38 18.37 -12.85
N SER C 164 -1.53 19.28 -13.33
CA SER C 164 -0.38 18.88 -14.15
C SER C 164 0.77 18.31 -13.34
N SER C 165 0.97 18.84 -12.14
CA SER C 165 1.98 18.22 -11.25
C SER C 165 1.87 18.73 -9.82
N VAL C 166 2.51 18.00 -8.93
CA VAL C 166 2.69 18.49 -7.58
C VAL C 166 4.19 18.46 -7.27
N GLU C 167 4.69 19.53 -6.70
CA GLU C 167 6.02 19.50 -6.07
C GLU C 167 5.86 19.33 -4.59
N PHE C 168 6.84 18.65 -3.99
CA PHE C 168 7.00 18.65 -2.56
C PHE C 168 8.47 18.91 -2.18
N LEU C 169 8.68 20.06 -1.55
CA LEU C 169 10.00 20.44 -0.99
C LEU C 169 10.17 19.85 0.38
N GLU C 170 11.26 19.11 0.52
CA GLU C 170 11.67 18.46 1.72
C GLU C 170 12.47 19.47 2.56
N THR C 171 13.39 20.15 1.89
CA THR C 171 14.16 21.24 2.47
C THR C 171 14.26 22.35 1.40
N PRO C 172 14.82 23.52 1.77
CA PRO C 172 14.91 24.50 0.68
C PRO C 172 15.75 24.02 -0.52
N LYS C 173 16.78 23.21 -0.27
CA LYS C 173 17.69 22.71 -1.33
C LYS C 173 17.23 21.42 -2.05
N SER C 174 16.14 20.80 -1.63
CA SER C 174 15.80 19.50 -2.21
C SER C 174 14.29 19.25 -2.31
N ARG C 175 13.85 18.81 -3.49
CA ARG C 175 12.43 18.67 -3.72
C ARG C 175 12.11 17.59 -4.76
N ALA C 176 10.93 17.03 -4.61
CA ALA C 176 10.42 16.06 -5.56
C ALA C 176 9.31 16.71 -6.35
N ARG C 177 9.06 16.17 -7.55
CA ARG C 177 7.93 16.59 -8.37
C ARG C 177 7.33 15.34 -9.03
N VAL C 178 6.02 15.25 -9.03
CA VAL C 178 5.34 14.19 -9.75
C VAL C 178 4.49 14.80 -10.86
N TYR C 179 4.77 14.40 -12.11
CA TYR C 179 3.98 14.91 -13.22
C TYR C 179 2.87 13.92 -13.62
N ASN C 180 1.72 14.50 -13.91
CA ASN C 180 0.58 13.76 -14.45
C ASN C 180 0.58 13.95 -15.98
N GLU C 181 1.25 13.06 -16.71
CA GLU C 181 1.39 13.16 -18.17
C GLU C 181 0.10 12.79 -18.87
N SER D 2 18.89 14.94 -28.03
CA SER D 2 19.00 16.40 -28.33
C SER D 2 19.05 17.24 -27.03
N LEU D 3 19.66 18.42 -27.09
CA LEU D 3 19.58 19.37 -25.99
C LEU D 3 18.77 20.62 -26.37
N ILE D 4 18.06 21.19 -25.40
CA ILE D 4 17.34 22.44 -25.55
C ILE D 4 17.87 23.44 -24.51
N TYR D 5 18.11 24.66 -24.94
CA TYR D 5 18.76 25.67 -24.08
C TYR D 5 17.75 26.76 -23.73
N GLN D 6 17.68 27.17 -22.46
CA GLN D 6 16.77 28.27 -22.10
C GLN D 6 17.49 29.16 -21.13
N ILE D 7 17.08 30.42 -21.11
CA ILE D 7 17.47 31.30 -20.04
C ILE D 7 16.17 31.96 -19.51
N ALA D 8 16.24 32.51 -18.29
CA ALA D 8 15.11 33.13 -17.61
C ALA D 8 15.61 34.35 -16.83
N LYS D 9 14.94 35.47 -16.98
CA LYS D 9 15.23 36.66 -16.19
C LYS D 9 13.93 37.12 -15.51
N GLU D 10 14.10 37.62 -14.27
CA GLU D 10 13.02 38.20 -13.46
C GLU D 10 12.92 39.73 -13.55
N PHE D 11 11.70 40.27 -13.57
CA PHE D 11 11.43 41.74 -13.62
C PHE D 11 10.34 42.05 -12.60
N ASP D 12 10.56 43.04 -11.73
CA ASP D 12 9.65 43.30 -10.61
C ASP D 12 8.94 44.63 -10.80
N PHE D 13 7.68 44.71 -10.36
CA PHE D 13 6.99 46.01 -10.30
C PHE D 13 5.82 45.89 -9.36
N CYS D 14 5.35 47.06 -8.89
CA CYS D 14 4.21 47.13 -7.95
CA CYS D 14 4.19 47.03 -8.00
C CYS D 14 3.07 47.78 -8.68
N TYR D 15 1.85 47.31 -8.41
CA TYR D 15 0.69 47.82 -9.10
C TYR D 15 -0.57 47.57 -8.31
N GLY D 16 -1.62 48.30 -8.65
CA GLY D 16 -2.94 48.05 -8.14
C GLY D 16 -3.81 47.49 -9.29
N HIS D 17 -4.85 46.77 -8.93
CA HIS D 17 -5.81 46.30 -9.91
C HIS D 17 -7.06 45.85 -9.19
N ARG D 18 -7.99 45.36 -9.98
CA ARG D 18 -9.14 44.68 -9.45
C ARG D 18 -9.53 43.59 -10.51
N VAL D 19 -10.08 42.46 -10.06
CA VAL D 19 -10.56 41.40 -11.00
C VAL D 19 -12.10 41.45 -10.95
N TRP D 20 -12.71 42.23 -11.85
CA TRP D 20 -14.12 42.65 -11.65
C TRP D 20 -15.14 41.55 -11.88
N SER D 21 -14.75 40.57 -12.69
CA SER D 21 -15.60 39.45 -13.05
C SER D 21 -15.41 38.17 -12.20
N GLN D 22 -14.56 38.20 -11.17
CA GLN D 22 -14.37 37.02 -10.31
C GLN D 22 -15.65 36.29 -9.89
N GLU D 23 -15.71 34.99 -10.15
CA GLU D 23 -16.74 34.12 -9.61
C GLU D 23 -16.08 32.95 -8.85
N LEU D 24 -16.76 32.44 -7.84
CA LEU D 24 -16.24 31.34 -7.02
C LEU D 24 -17.27 30.21 -6.82
N ASN D 25 -16.79 28.96 -6.86
CA ASN D 25 -17.55 27.81 -6.43
C ASN D 25 -17.19 27.59 -4.95
N PRO D 26 -18.18 27.77 -4.05
CA PRO D 26 -17.93 27.78 -2.60
C PRO D 26 -17.61 26.40 -2.03
N ASP D 27 -17.96 25.36 -2.79
CA ASP D 27 -17.58 23.98 -2.48
C ASP D 27 -16.07 23.87 -2.41
N PHE D 28 -15.39 24.70 -3.19
CA PHE D 28 -13.93 24.73 -3.23
C PHE D 28 -13.28 25.90 -2.47
N SER D 29 -13.80 27.12 -2.65
CA SER D 29 -13.26 28.30 -1.96
C SER D 29 -13.57 28.32 -0.46
N LEU D 30 -14.60 27.59 -0.06
CA LEU D 30 -15.06 27.59 1.36
C LEU D 30 -15.74 28.92 1.77
N ASP D 31 -15.25 30.06 1.30
CA ASP D 31 -15.85 31.39 1.56
C ASP D 31 -16.36 31.91 0.23
N PRO D 32 -17.67 32.30 0.15
CA PRO D 32 -18.14 32.87 -1.13
C PRO D 32 -17.58 34.25 -1.47
N CYS D 33 -17.04 34.97 -0.47
CA CYS D 33 -16.64 36.38 -0.65
C CYS D 33 -15.65 36.60 -1.82
N LEU D 34 -16.06 37.47 -2.74
CA LEU D 34 -15.34 37.79 -3.99
C LEU D 34 -14.30 38.91 -3.77
N SER D 35 -13.36 38.63 -2.88
CA SER D 35 -12.33 39.58 -2.49
C SER D 35 -11.47 40.10 -3.66
N CYS D 36 -11.27 39.33 -4.74
CA CYS D 36 -10.52 39.86 -5.88
C CYS D 36 -11.26 40.98 -6.66
N ARG D 37 -12.58 41.10 -6.44
CA ARG D 37 -13.34 42.22 -6.99
C ARG D 37 -13.07 43.53 -6.23
N HIS D 38 -12.43 43.43 -5.07
CA HIS D 38 -11.99 44.65 -4.33
C HIS D 38 -10.79 45.32 -4.98
N LEU D 39 -10.73 46.64 -4.94
CA LEU D 39 -9.51 47.35 -5.29
C LEU D 39 -8.42 46.89 -4.31
N HIS D 40 -7.29 46.46 -4.87
CA HIS D 40 -6.15 46.11 -4.06
C HIS D 40 -4.91 46.20 -4.91
N GLY D 41 -3.85 45.47 -4.57
CA GLY D 41 -2.64 45.59 -5.33
C GLY D 41 -1.67 44.50 -4.98
N HIS D 42 -0.48 44.56 -5.57
CA HIS D 42 0.47 43.45 -5.49
C HIS D 42 1.85 43.90 -5.80
N GLN D 43 2.82 43.08 -5.39
CA GLN D 43 4.15 43.14 -5.98
C GLN D 43 4.17 42.04 -7.06
N GLY D 44 4.30 42.43 -8.32
CA GLY D 44 4.28 41.46 -9.42
C GLY D 44 5.72 41.10 -9.80
N LYS D 45 5.95 39.86 -10.19
CA LYS D 45 7.25 39.52 -10.76
C LYS D 45 7.01 38.87 -12.09
N VAL D 46 7.60 39.42 -13.13
CA VAL D 46 7.53 38.77 -14.42
C VAL D 46 8.78 37.94 -14.63
N ILE D 47 8.62 36.64 -14.97
CA ILE D 47 9.76 35.80 -15.32
C ILE D 47 9.67 35.43 -16.80
N VAL D 48 10.67 35.86 -17.56
CA VAL D 48 10.67 35.66 -19.02
C VAL D 48 11.61 34.48 -19.35
N HIS D 49 11.10 33.44 -20.04
CA HIS D 49 11.95 32.30 -20.43
C HIS D 49 12.20 32.36 -21.92
N LEU D 50 13.46 32.43 -22.34
CA LEU D 50 13.82 32.41 -23.77
C LEU D 50 14.46 31.06 -24.13
N GLU D 51 14.22 30.55 -25.34
CA GLU D 51 14.74 29.22 -25.67
C GLU D 51 15.44 29.29 -27.04
N SER D 52 16.52 28.55 -27.20
CA SER D 52 17.10 28.39 -28.53
C SER D 52 17.51 26.92 -28.72
N ARG D 53 17.62 26.50 -29.99
CA ARG D 53 18.08 25.16 -30.30
C ARG D 53 19.61 25.03 -30.25
N GLU D 54 20.30 26.16 -30.30
CA GLU D 54 21.78 26.18 -30.30
CA GLU D 54 21.76 26.21 -30.35
C GLU D 54 22.26 27.31 -29.40
N LEU D 55 23.47 27.19 -28.89
CA LEU D 55 24.16 28.33 -28.27
C LEU D 55 25.00 29.06 -29.33
N GLN D 56 25.11 30.38 -29.20
CA GLN D 56 26.06 31.16 -30.01
C GLN D 56 26.84 31.97 -29.01
N ARG D 57 28.18 31.93 -29.06
CA ARG D 57 29.01 32.62 -28.06
C ARG D 57 28.64 32.14 -26.67
N GLY D 58 28.25 30.87 -26.56
CA GLY D 58 27.95 30.27 -25.27
C GLY D 58 26.62 30.68 -24.64
N MSE D 59 25.79 31.40 -25.38
CA MSE D 59 24.51 31.94 -24.91
C MSE D 59 23.28 31.57 -25.75
O MSE D 59 23.36 31.30 -26.97
CB MSE D 59 24.59 33.47 -24.89
CG MSE D 59 25.68 34.05 -24.01
SE MSE D 59 25.48 35.96 -24.05
CE MSE D 59 27.10 36.46 -23.15
N VAL D 60 22.13 31.61 -25.09
CA VAL D 60 20.83 31.58 -25.79
C VAL D 60 20.73 32.93 -26.52
N THR D 61 20.76 34.00 -25.72
CA THR D 61 21.00 35.39 -26.09
C THR D 61 21.41 36.06 -24.78
N ASP D 62 22.07 37.23 -24.84
CA ASP D 62 22.51 37.89 -23.61
C ASP D 62 21.31 38.33 -22.77
N PHE D 63 21.36 38.10 -21.46
CA PHE D 63 20.39 38.65 -20.51
C PHE D 63 20.07 40.13 -20.75
N ALA D 64 21.07 40.94 -21.18
CA ALA D 64 20.86 42.40 -21.33
C ALA D 64 19.94 42.75 -22.49
N HIS D 65 19.68 41.76 -23.36
CA HIS D 65 18.75 41.92 -24.48
C HIS D 65 17.27 41.98 -24.06
N LEU D 66 16.97 41.84 -22.77
CA LEU D 66 15.64 42.20 -22.27
C LEU D 66 15.61 43.53 -21.49
N ASN D 67 16.70 44.32 -21.57
CA ASN D 67 16.73 45.68 -20.96
C ASN D 67 15.63 46.61 -21.52
N TRP D 68 15.30 46.48 -22.80
CA TRP D 68 14.15 47.24 -23.37
C TRP D 68 12.85 46.90 -22.59
N PHE D 69 12.70 45.62 -22.24
CA PHE D 69 11.49 45.10 -21.60
C PHE D 69 11.48 45.59 -20.17
N LYS D 70 12.65 45.55 -19.53
CA LYS D 70 12.79 46.08 -18.19
C LYS D 70 12.35 47.55 -18.17
N ARG D 71 12.82 48.30 -19.16
CA ARG D 71 12.37 49.69 -19.33
C ARG D 71 10.84 49.83 -19.49
N PHE D 72 10.21 48.98 -20.31
CA PHE D 72 8.75 49.02 -20.52
C PHE D 72 8.04 48.79 -19.18
N ILE D 73 8.43 47.75 -18.45
CA ILE D 73 7.89 47.48 -17.11
C ILE D 73 8.05 48.72 -16.18
N ASP D 74 9.28 49.20 -16.04
CA ASP D 74 9.60 50.35 -15.19
C ASP D 74 8.80 51.60 -15.55
N GLU D 75 8.69 51.91 -16.85
CA GLU D 75 8.17 53.19 -17.32
C GLU D 75 6.66 53.18 -17.57
N VAL D 76 6.09 52.00 -17.75
CA VAL D 76 4.69 51.92 -18.11
C VAL D 76 3.86 51.27 -17.03
N LEU D 77 4.40 50.24 -16.36
CA LEU D 77 3.58 49.47 -15.45
C LEU D 77 3.78 49.74 -13.97
N ASP D 78 5.02 50.04 -13.59
CA ASP D 78 5.34 50.14 -12.18
C ASP D 78 4.67 51.34 -11.54
N HIS D 79 4.16 51.15 -10.31
CA HIS D 79 3.43 52.19 -9.57
C HIS D 79 2.22 52.73 -10.35
N ARG D 80 1.48 51.81 -10.95
CA ARG D 80 0.27 52.16 -11.70
C ARG D 80 -0.91 51.33 -11.19
N PHE D 81 -2.10 51.77 -11.55
CA PHE D 81 -3.30 50.93 -11.43
C PHE D 81 -3.70 50.39 -12.79
N ILE D 82 -3.82 49.06 -12.90
CA ILE D 82 -4.24 48.39 -14.15
C ILE D 82 -5.75 48.11 -14.13
N ILE D 83 -6.46 48.75 -15.07
CA ILE D 83 -7.89 48.61 -15.11
C ILE D 83 -8.36 48.08 -16.52
N ASP D 84 -9.25 47.12 -16.53
CA ASP D 84 -9.92 46.69 -17.72
C ASP D 84 -10.87 47.81 -18.22
N ILE D 85 -10.79 48.10 -19.52
CA ILE D 85 -11.74 49.04 -20.09
C ILE D 85 -13.21 48.58 -19.94
N ASP D 86 -13.44 47.24 -19.89
CA ASP D 86 -14.76 46.68 -19.61
C ASP D 86 -15.19 46.62 -18.12
N ASP D 87 -14.31 47.05 -17.20
CA ASP D 87 -14.66 47.03 -15.76
C ASP D 87 -15.88 47.96 -15.63
N PRO D 88 -16.98 47.47 -15.02
CA PRO D 88 -18.16 48.31 -14.75
C PRO D 88 -17.90 49.55 -13.88
N LEU D 89 -16.81 49.56 -13.10
CA LEU D 89 -16.41 50.76 -12.33
C LEU D 89 -15.55 51.76 -13.12
N PHE D 90 -15.26 51.48 -14.40
CA PHE D 90 -14.52 52.45 -15.20
C PHE D 90 -15.12 53.90 -15.14
N PRO D 91 -16.43 54.08 -15.39
CA PRO D 91 -16.92 55.49 -15.35
C PRO D 91 -16.83 56.12 -13.94
N THR D 92 -16.81 55.28 -12.90
CA THR D 92 -16.78 55.76 -11.49
C THR D 92 -15.38 56.16 -11.08
N LEU D 93 -14.40 55.31 -11.42
CA LEU D 93 -13.00 55.59 -11.14
C LEU D 93 -12.36 56.55 -12.10
N LEU D 94 -12.88 56.62 -13.33
CA LEU D 94 -12.40 57.61 -14.34
C LEU D 94 -13.55 58.54 -14.81
N PRO D 95 -14.15 59.29 -13.86
CA PRO D 95 -15.37 60.05 -14.16
C PRO D 95 -15.17 61.10 -15.30
N HIS D 96 -13.95 61.62 -15.47
CA HIS D 96 -13.69 62.54 -16.61
C HIS D 96 -13.60 61.84 -17.96
N PHE D 97 -13.55 60.52 -17.96
CA PHE D 97 -13.48 59.74 -19.20
C PHE D 97 -14.61 58.69 -19.28
N ALA D 98 -15.73 58.98 -18.61
CA ALA D 98 -16.87 58.05 -18.52
C ALA D 98 -17.39 57.57 -19.88
N ASP D 99 -17.37 58.43 -20.88
CA ASP D 99 -17.83 58.01 -22.22
C ASP D 99 -16.75 57.20 -23.01
N LYS D 100 -15.55 57.06 -22.44
CA LYS D 100 -14.44 56.26 -23.00
C LYS D 100 -13.95 56.89 -24.31
N SER D 101 -14.27 58.15 -24.52
CA SER D 101 -13.60 58.89 -25.55
C SER D 101 -12.32 59.45 -24.92
N ALA D 102 -11.38 59.81 -25.77
CA ALA D 102 -10.14 60.45 -25.33
C ALA D 102 -9.21 59.50 -24.56
N LEU D 103 -9.28 58.23 -24.92
CA LEU D 103 -8.24 57.25 -24.53
C LEU D 103 -7.26 57.17 -25.68
N VAL D 104 -5.97 57.02 -25.37
CA VAL D 104 -4.91 56.99 -26.37
C VAL D 104 -4.26 55.59 -26.33
N TRP D 105 -4.45 54.78 -27.37
CA TRP D 105 -4.02 53.38 -27.36
C TRP D 105 -2.59 53.29 -27.87
N MSE D 106 -1.72 52.56 -27.17
CA MSE D 106 -0.36 52.40 -27.64
C MSE D 106 -0.20 51.07 -28.33
O MSE D 106 -1.07 50.19 -28.21
CB MSE D 106 0.69 52.54 -26.52
CG MSE D 106 0.34 53.59 -25.48
SE MSE D 106 0.16 55.42 -26.16
CE MSE D 106 1.32 56.36 -24.89
N GLU D 107 0.90 50.95 -29.08
CA GLU D 107 1.18 49.77 -29.90
C GLU D 107 1.14 48.48 -29.08
N GLU D 108 1.72 48.54 -27.90
CA GLU D 108 1.75 47.38 -27.02
C GLU D 108 0.37 46.94 -26.48
N GLY D 109 -0.69 47.64 -26.85
CA GLY D 109 -2.07 47.27 -26.51
C GLY D 109 -2.56 47.63 -25.09
N TYR D 110 -2.08 48.76 -24.57
CA TYR D 110 -2.69 49.36 -23.41
C TYR D 110 -2.99 50.81 -23.78
N ALA D 111 -3.77 51.50 -22.95
CA ALA D 111 -4.08 52.88 -23.18
C ALA D 111 -3.77 53.73 -21.95
N ARG D 112 -3.53 55.01 -22.17
CA ARG D 112 -3.59 56.03 -21.14
C ARG D 112 -4.63 57.08 -21.57
N VAL D 113 -5.12 57.85 -20.61
CA VAL D 113 -6.07 58.91 -20.93
C VAL D 113 -5.37 60.00 -21.72
N ASP D 114 -6.16 60.76 -22.48
CA ASP D 114 -5.61 61.91 -23.19
C ASP D 114 -5.59 63.06 -22.21
N PHE D 115 -4.39 63.44 -21.77
CA PHE D 115 -4.24 64.47 -20.73
C PHE D 115 -4.72 65.86 -21.15
N GLU D 116 -4.94 66.06 -22.45
CA GLU D 116 -5.54 67.30 -22.93
C GLU D 116 -6.92 67.50 -22.35
N ARG D 117 -7.70 66.41 -22.30
CA ARG D 117 -9.07 66.52 -21.79
C ARG D 117 -9.19 67.01 -20.36
N ILE D 118 -8.13 66.88 -19.55
CA ILE D 118 -8.17 67.28 -18.12
C ILE D 118 -7.18 68.39 -17.82
N LYS D 119 -6.81 69.10 -18.88
CA LYS D 119 -5.91 70.23 -18.79
C LYS D 119 -6.44 71.17 -17.69
N GLY D 120 -5.58 71.71 -16.85
CA GLY D 120 -6.09 72.61 -15.78
C GLY D 120 -7.08 72.00 -14.78
N GLU D 121 -7.16 70.67 -14.68
CA GLU D 121 -7.77 70.06 -13.48
C GLU D 121 -6.74 70.18 -12.36
N SER D 122 -7.16 69.94 -11.11
CA SER D 122 -6.24 70.10 -9.98
C SER D 122 -5.10 69.04 -9.98
N SER D 123 -4.02 69.28 -9.24
CA SER D 123 -2.90 68.36 -9.25
C SER D 123 -3.23 66.93 -8.75
N PRO D 124 -4.11 66.80 -7.73
CA PRO D 124 -4.42 65.43 -7.32
C PRO D 124 -5.18 64.68 -8.39
N ILE D 125 -6.03 65.40 -9.14
CA ILE D 125 -6.75 64.80 -10.28
C ILE D 125 -5.80 64.33 -11.39
N LEU D 126 -4.78 65.14 -11.68
CA LEU D 126 -3.77 64.70 -12.62
C LEU D 126 -3.03 63.47 -12.07
N GLU D 127 -2.77 63.42 -10.77
CA GLU D 127 -2.09 62.24 -10.19
C GLU D 127 -2.94 60.98 -10.38
N LEU D 128 -4.23 61.12 -10.16
CA LEU D 128 -5.18 60.04 -10.32
C LEU D 128 -5.11 59.49 -11.75
N TYR D 129 -5.27 60.36 -12.75
CA TYR D 129 -5.25 59.96 -14.14
C TYR D 129 -3.92 59.42 -14.64
N GLU D 130 -2.82 59.98 -14.14
CA GLU D 130 -1.48 59.40 -14.39
C GLU D 130 -1.37 57.96 -13.90
N SER D 131 -2.24 57.53 -12.97
CA SER D 131 -2.09 56.18 -12.37
C SER D 131 -2.55 55.08 -13.31
N PHE D 132 -3.53 55.39 -14.17
CA PHE D 132 -4.21 54.33 -14.87
C PHE D 132 -3.48 53.85 -16.12
N VAL D 133 -3.37 52.53 -16.19
CA VAL D 133 -3.05 51.79 -17.41
C VAL D 133 -4.29 50.99 -17.78
N VAL D 134 -4.88 51.33 -18.92
CA VAL D 134 -6.12 50.70 -19.38
C VAL D 134 -5.82 49.56 -20.32
N VAL D 135 -6.45 48.40 -20.06
CA VAL D 135 -6.21 47.22 -20.85
C VAL D 135 -7.52 46.65 -21.35
N ARG D 136 -7.45 45.85 -22.40
CA ARG D 136 -8.66 45.18 -22.92
CA ARG D 136 -8.61 45.17 -22.97
C ARG D 136 -8.64 43.72 -22.53
N PHE D 137 -8.56 43.51 -21.21
CA PHE D 137 -8.70 42.18 -20.67
C PHE D 137 -8.88 42.33 -19.18
N VAL D 138 -9.42 41.30 -18.56
CA VAL D 138 -9.45 41.26 -17.10
C VAL D 138 -8.02 41.00 -16.52
N PRO D 139 -7.51 41.94 -15.70
CA PRO D 139 -6.08 41.87 -15.33
C PRO D 139 -5.73 40.84 -14.24
N THR D 140 -6.15 39.59 -14.45
CA THR D 140 -5.72 38.46 -13.65
C THR D 140 -4.22 38.25 -13.92
N SER D 141 -3.54 37.50 -13.07
CA SER D 141 -2.20 37.03 -13.42
C SER D 141 -2.07 36.30 -14.78
N GLU D 142 -3.05 35.44 -15.11
CA GLU D 142 -2.94 34.71 -16.36
C GLU D 142 -2.99 35.68 -17.59
N SER D 143 -3.85 36.68 -17.52
CA SER D 143 -4.05 37.58 -18.64
C SER D 143 -2.85 38.50 -18.82
N ILE D 144 -2.29 38.99 -17.71
CA ILE D 144 -1.10 39.79 -17.78
C ILE D 144 0.06 38.98 -18.35
N ALA D 145 0.27 37.76 -17.87
CA ALA D 145 1.29 36.87 -18.49
C ALA D 145 1.09 36.67 -20.00
N SER D 146 -0.15 36.37 -20.39
CA SER D 146 -0.54 36.19 -21.78
C SER D 146 -0.16 37.39 -22.62
N TRP D 147 -0.51 38.57 -22.09
CA TRP D 147 -0.30 39.86 -22.76
C TRP D 147 1.17 40.14 -22.87
N LEU D 148 1.91 39.97 -21.77
CA LEU D 148 3.37 40.17 -21.81
C LEU D 148 4.06 39.22 -22.81
N LEU D 149 3.57 37.97 -22.91
CA LEU D 149 4.08 36.97 -23.84
C LEU D 149 3.90 37.45 -25.31
N GLU D 150 2.71 37.93 -25.62
CA GLU D 150 2.44 38.61 -26.89
C GLU D 150 3.41 39.74 -27.22
N LEU D 151 3.64 40.63 -26.26
CA LEU D 151 4.52 41.75 -26.49
C LEU D 151 5.92 41.22 -26.81
N LEU D 152 6.38 40.27 -25.98
CA LEU D 152 7.72 39.71 -26.14
C LEU D 152 7.87 38.99 -27.47
N ARG D 153 6.86 38.21 -27.86
CA ARG D 153 6.95 37.43 -29.08
C ARG D 153 7.09 38.36 -30.28
N SER D 154 6.36 39.47 -30.22
CA SER D 154 6.33 40.45 -31.28
C SER D 154 7.64 41.26 -31.43
N ARG D 155 8.45 41.35 -30.37
CA ARG D 155 9.71 42.14 -30.41
C ARG D 155 11.01 41.33 -30.53
N ILE D 156 10.93 40.06 -30.18
CA ILE D 156 12.11 39.23 -29.92
C ILE D 156 12.71 38.51 -31.15
N GLN D 157 11.98 38.47 -32.27
CA GLN D 157 12.47 37.72 -33.45
C GLN D 157 13.89 38.04 -33.90
N PRO D 158 14.27 39.34 -34.00
CA PRO D 158 15.61 39.66 -34.51
C PRO D 158 16.75 39.06 -33.67
N LEU D 159 16.41 38.57 -32.46
CA LEU D 159 17.38 37.88 -31.58
C LEU D 159 17.56 36.38 -31.89
N GLY D 160 16.70 35.83 -32.76
CA GLY D 160 16.76 34.41 -33.16
C GLY D 160 16.56 33.43 -32.01
N VAL D 161 15.77 33.87 -31.02
CA VAL D 161 15.33 32.98 -29.96
C VAL D 161 13.81 33.04 -29.88
N LYS D 162 13.25 32.06 -29.17
CA LYS D 162 11.82 31.92 -28.97
C LYS D 162 11.51 32.35 -27.53
N VAL D 163 10.32 32.91 -27.29
CA VAL D 163 9.77 33.01 -25.93
C VAL D 163 9.03 31.70 -25.63
N SER D 164 9.64 30.86 -24.78
CA SER D 164 9.02 29.60 -24.44
C SER D 164 7.88 29.75 -23.44
N SER D 165 8.01 30.69 -22.46
CA SER D 165 6.89 30.94 -21.49
C SER D 165 7.10 32.23 -20.74
N VAL D 166 6.02 32.78 -20.20
CA VAL D 166 6.11 33.90 -19.25
C VAL D 166 5.40 33.44 -17.99
N GLU D 167 6.08 33.61 -16.85
CA GLU D 167 5.47 33.49 -15.52
C GLU D 167 5.12 34.87 -15.01
N PHE D 168 4.05 34.96 -14.25
CA PHE D 168 3.69 36.17 -13.54
C PHE D 168 3.26 35.74 -12.14
N LEU D 169 4.06 36.16 -11.16
CA LEU D 169 3.84 35.86 -9.76
C LEU D 169 3.07 37.02 -9.18
N GLU D 170 1.83 36.75 -8.78
CA GLU D 170 0.92 37.69 -8.14
C GLU D 170 1.30 37.97 -6.67
N THR D 171 1.64 36.89 -5.97
CA THR D 171 2.14 36.90 -4.60
C THR D 171 3.29 35.93 -4.55
N PRO D 172 4.08 35.95 -3.46
CA PRO D 172 5.18 34.98 -3.46
C PRO D 172 4.67 33.53 -3.36
N LYS D 173 3.37 33.32 -3.13
CA LYS D 173 2.82 31.97 -2.99
C LYS D 173 1.97 31.54 -4.20
N SER D 174 1.68 32.46 -5.12
CA SER D 174 0.77 32.10 -6.20
C SER D 174 1.19 32.79 -7.48
N ARG D 175 1.24 32.00 -8.55
CA ARG D 175 1.66 32.51 -9.85
C ARG D 175 0.90 31.87 -11.02
N ALA D 176 0.99 32.53 -12.17
CA ALA D 176 0.48 31.99 -13.41
C ALA D 176 1.70 31.71 -14.29
N ARG D 177 1.53 30.79 -15.22
CA ARG D 177 2.52 30.55 -16.25
C ARG D 177 1.83 30.27 -17.61
N VAL D 178 2.31 30.90 -18.67
CA VAL D 178 1.76 30.67 -19.99
C VAL D 178 2.88 30.09 -20.87
N TYR D 179 2.66 28.89 -21.40
CA TYR D 179 3.64 28.24 -22.24
C TYR D 179 3.31 28.47 -23.71
N ASN D 180 4.32 28.81 -24.50
CA ASN D 180 4.20 28.90 -25.93
C ASN D 180 4.77 27.60 -26.52
N GLU D 181 3.91 26.64 -26.81
CA GLU D 181 4.33 25.30 -27.28
C GLU D 181 4.85 25.34 -28.71
N SER E 2 -8.63 -6.52 20.42
CA SER E 2 -7.38 -7.02 19.77
C SER E 2 -7.70 -7.97 18.60
N LEU E 3 -6.90 -7.93 17.53
CA LEU E 3 -7.01 -8.97 16.49
C LEU E 3 -5.74 -9.85 16.46
N ILE E 4 -5.92 -11.14 16.16
CA ILE E 4 -4.81 -12.09 15.97
C ILE E 4 -4.89 -12.66 14.52
N TYR E 5 -3.78 -12.68 13.81
CA TYR E 5 -3.80 -13.13 12.39
C TYR E 5 -3.08 -14.43 12.18
N GLN E 6 -3.71 -15.35 11.44
CA GLN E 6 -3.12 -16.60 11.17
C GLN E 6 -3.26 -16.95 9.70
N ILE E 7 -2.32 -17.75 9.22
CA ILE E 7 -2.54 -18.39 7.94
C ILE E 7 -2.25 -19.84 8.21
N ALA E 8 -2.77 -20.71 7.36
CA ALA E 8 -2.51 -22.16 7.44
C ALA E 8 -2.30 -22.68 6.03
N LYS E 9 -1.37 -23.63 5.86
CA LYS E 9 -1.16 -24.23 4.52
C LYS E 9 -0.97 -25.76 4.72
N GLU E 10 -1.60 -26.53 3.83
CA GLU E 10 -1.54 -28.01 3.79
C GLU E 10 -0.42 -28.59 2.90
N PHE E 11 0.18 -29.68 3.37
CA PHE E 11 1.23 -30.38 2.62
C PHE E 11 0.91 -31.86 2.70
N ASP E 12 0.88 -32.53 1.54
CA ASP E 12 0.49 -33.97 1.45
C ASP E 12 1.70 -34.87 1.18
N PHE E 13 1.68 -36.08 1.74
CA PHE E 13 2.69 -37.12 1.38
C PHE E 13 2.17 -38.49 1.78
N CYS E 14 2.73 -39.55 1.18
CA CYS E 14 2.37 -40.96 1.48
CA CYS E 14 2.34 -40.90 1.58
C CYS E 14 3.57 -41.61 2.14
N TYR E 15 3.32 -42.54 3.07
CA TYR E 15 4.43 -43.15 3.75
C TYR E 15 3.98 -44.45 4.40
N GLY E 16 4.97 -45.25 4.73
CA GLY E 16 4.77 -46.47 5.50
C GLY E 16 5.30 -46.25 6.92
N HIS E 17 4.69 -46.91 7.90
CA HIS E 17 5.27 -46.93 9.26
C HIS E 17 4.68 -48.09 10.02
N ARG E 18 5.11 -48.24 11.27
CA ARG E 18 4.34 -48.96 12.25
C ARG E 18 4.50 -48.29 13.62
N VAL E 19 3.53 -48.48 14.49
CA VAL E 19 3.60 -47.99 15.87
C VAL E 19 3.86 -49.21 16.74
N TRP E 20 5.16 -49.47 16.97
CA TRP E 20 5.61 -50.71 17.65
C TRP E 20 5.16 -50.80 19.10
N SER E 21 4.89 -49.67 19.74
CA SER E 21 4.59 -49.66 21.15
C SER E 21 3.08 -49.54 21.51
N GLN E 22 2.19 -49.56 20.52
CA GLN E 22 0.76 -49.40 20.78
C GLN E 22 0.22 -50.42 21.81
N GLU E 23 -0.50 -49.91 22.80
CA GLU E 23 -1.30 -50.70 23.75
C GLU E 23 -2.71 -50.14 23.75
N LEU E 24 -3.70 -50.96 24.11
CA LEU E 24 -5.12 -50.56 24.14
C LEU E 24 -5.83 -51.00 25.42
N ASN E 25 -6.71 -50.14 25.93
CA ASN E 25 -7.69 -50.53 26.94
C ASN E 25 -8.94 -51.07 26.22
N PRO E 26 -9.24 -52.39 26.36
CA PRO E 26 -10.38 -52.99 25.64
C PRO E 26 -11.78 -52.51 26.06
N ASP E 27 -11.92 -51.90 27.24
CA ASP E 27 -13.20 -51.32 27.64
C ASP E 27 -13.59 -50.18 26.69
N PHE E 28 -12.57 -49.55 26.08
CA PHE E 28 -12.78 -48.47 25.11
C PHE E 28 -12.59 -48.84 23.65
N SER E 29 -11.56 -49.59 23.33
CA SER E 29 -11.32 -49.99 21.93
C SER E 29 -12.30 -51.08 21.47
N LEU E 30 -12.93 -51.75 22.43
CA LEU E 30 -13.76 -52.94 22.19
C LEU E 30 -12.92 -54.16 21.77
N ASP E 31 -12.12 -54.02 20.69
CA ASP E 31 -11.23 -55.07 20.19
C ASP E 31 -9.81 -54.89 20.76
N PRO E 32 -9.22 -55.98 21.32
CA PRO E 32 -7.82 -55.90 21.82
C PRO E 32 -6.71 -55.96 20.76
N CYS E 33 -7.04 -56.26 19.51
CA CYS E 33 -6.03 -56.49 18.45
C CYS E 33 -5.20 -55.22 18.25
N LEU E 34 -3.88 -55.38 18.34
CA LEU E 34 -2.95 -54.23 18.20
C LEU E 34 -2.52 -53.98 16.74
N SER E 35 -3.49 -53.67 15.89
CA SER E 35 -3.24 -53.58 14.43
C SER E 35 -2.22 -52.49 13.99
N CYS E 36 -2.00 -51.46 14.81
CA CYS E 36 -1.05 -50.40 14.43
C CYS E 36 0.42 -50.85 14.57
N ARG E 37 0.63 -52.01 15.20
CA ARG E 37 1.98 -52.64 15.27
C ARG E 37 2.39 -53.38 13.97
N HIS E 38 1.39 -53.56 13.12
CA HIS E 38 1.64 -54.13 11.80
C HIS E 38 2.32 -53.12 10.92
N LEU E 39 3.14 -53.60 10.00
CA LEU E 39 3.67 -52.71 8.95
C LEU E 39 2.46 -52.26 8.10
N HIS E 40 2.32 -50.95 7.90
CA HIS E 40 1.27 -50.43 7.07
C HIS E 40 1.68 -49.06 6.59
N GLY E 41 0.70 -48.26 6.16
CA GLY E 41 1.00 -46.95 5.67
C GLY E 41 -0.21 -46.07 5.64
N HIS E 42 -0.01 -44.86 5.12
CA HIS E 42 -0.99 -43.80 5.22
C HIS E 42 -0.81 -42.76 4.13
N GLN E 43 -1.88 -42.02 3.90
CA GLN E 43 -1.86 -40.71 3.22
C GLN E 43 -1.83 -39.65 4.34
N GLY E 44 -0.74 -38.89 4.42
CA GLY E 44 -0.57 -37.91 5.51
C GLY E 44 -0.82 -36.52 4.98
N LYS E 45 -1.42 -35.67 5.82
CA LYS E 45 -1.52 -34.26 5.51
C LYS E 45 -0.95 -33.43 6.69
N VAL E 46 0.04 -32.59 6.43
CA VAL E 46 0.57 -31.67 7.44
C VAL E 46 -0.17 -30.35 7.20
N ILE E 47 -0.72 -29.77 8.28
CA ILE E 47 -1.28 -28.42 8.20
C ILE E 47 -0.46 -27.52 9.10
N VAL E 48 0.20 -26.52 8.53
CA VAL E 48 1.08 -25.61 9.29
C VAL E 48 0.25 -24.30 9.53
N HIS E 49 0.07 -23.94 10.80
CA HIS E 49 -0.50 -22.64 11.18
C HIS E 49 0.57 -21.69 11.68
N LEU E 50 0.61 -20.53 11.01
CA LEU E 50 1.55 -19.43 11.39
C LEU E 50 0.75 -18.22 11.88
N GLU E 51 1.28 -17.48 12.86
CA GLU E 51 0.53 -16.40 13.50
C GLU E 51 1.40 -15.15 13.63
N SER E 52 0.79 -13.99 13.50
CA SER E 52 1.48 -12.74 13.76
C SER E 52 0.49 -11.81 14.42
N ARG E 53 1.02 -10.83 15.15
CA ARG E 53 0.18 -9.88 15.85
C ARG E 53 -0.13 -8.69 14.94
N GLU E 54 0.58 -8.55 13.81
CA GLU E 54 0.26 -7.48 12.82
C GLU E 54 0.44 -8.04 11.42
N LEU E 55 -0.22 -7.42 10.44
CA LEU E 55 0.01 -7.72 9.00
C LEU E 55 1.11 -6.81 8.46
N GLN E 56 1.92 -7.33 7.54
CA GLN E 56 2.91 -6.55 6.83
C GLN E 56 2.66 -6.73 5.35
N ARG E 57 2.40 -5.65 4.62
CA ARG E 57 2.00 -5.78 3.18
C ARG E 57 0.81 -6.67 3.10
N GLY E 58 -0.09 -6.55 4.06
CA GLY E 58 -1.33 -7.34 4.01
C GLY E 58 -1.27 -8.81 4.41
N MSE E 59 -0.16 -9.26 4.99
CA MSE E 59 0.07 -10.68 5.17
C MSE E 59 0.65 -10.98 6.56
O MSE E 59 1.33 -10.15 7.18
CB MSE E 59 1.09 -11.14 4.14
CG MSE E 59 0.65 -11.22 2.67
SE MSE E 59 2.13 -11.94 1.65
CE MSE E 59 1.49 -11.28 -0.05
N VAL E 60 0.37 -12.20 7.04
CA VAL E 60 1.09 -12.76 8.15
C VAL E 60 2.53 -12.92 7.63
N THR E 61 2.68 -13.74 6.58
CA THR E 61 3.90 -13.87 5.80
C THR E 61 3.40 -14.61 4.56
N ASP E 62 4.15 -14.54 3.48
CA ASP E 62 3.69 -15.14 2.20
C ASP E 62 3.62 -16.68 2.28
N PHE E 63 2.49 -17.25 1.85
CA PHE E 63 2.37 -18.71 1.67
C PHE E 63 3.61 -19.37 1.06
N ALA E 64 4.29 -18.66 0.15
CA ALA E 64 5.49 -19.21 -0.53
C ALA E 64 6.69 -19.36 0.37
N HIS E 65 6.66 -18.73 1.54
CA HIS E 65 7.74 -18.87 2.52
C HIS E 65 7.80 -20.25 3.24
N LEU E 66 6.87 -21.13 2.90
CA LEU E 66 6.93 -22.54 3.30
C LEU E 66 7.38 -23.45 2.17
N ASN E 67 7.80 -22.86 1.04
CA ASN E 67 8.23 -23.69 -0.12
C ASN E 67 9.38 -24.60 0.26
N TRP E 68 10.24 -24.15 1.20
CA TRP E 68 11.38 -24.99 1.70
C TRP E 68 10.86 -26.21 2.48
N PHE E 69 9.76 -25.99 3.20
CA PHE E 69 9.09 -27.05 3.95
C PHE E 69 8.40 -28.01 2.98
N LYS E 70 7.73 -27.50 1.95
CA LYS E 70 7.16 -28.40 0.92
C LYS E 70 8.24 -29.31 0.28
N ARG E 71 9.40 -28.72 0.00
CA ARG E 71 10.52 -29.46 -0.57
C ARG E 71 11.01 -30.57 0.37
N PHE E 72 11.21 -30.21 1.65
CA PHE E 72 11.51 -31.19 2.68
C PHE E 72 10.52 -32.37 2.71
N ILE E 73 9.22 -32.07 2.78
CA ILE E 73 8.19 -33.12 2.67
C ILE E 73 8.35 -34.00 1.40
N ASP E 74 8.44 -33.33 0.26
CA ASP E 74 8.51 -34.01 -1.03
C ASP E 74 9.78 -34.86 -1.16
N GLU E 75 10.89 -34.33 -0.70
CA GLU E 75 12.18 -34.95 -1.03
C GLU E 75 12.66 -35.89 0.07
N VAL E 76 12.15 -35.68 1.27
CA VAL E 76 12.64 -36.47 2.41
C VAL E 76 11.64 -37.51 2.83
N LEU E 77 10.35 -37.13 2.88
CA LEU E 77 9.34 -37.95 3.50
C LEU E 77 8.40 -38.75 2.57
N ASP E 78 8.05 -38.18 1.42
CA ASP E 78 7.08 -38.81 0.54
C ASP E 78 7.65 -40.11 -0.05
N HIS E 79 6.81 -41.13 -0.05
CA HIS E 79 7.12 -42.47 -0.56
C HIS E 79 8.27 -43.09 0.19
N ARG E 80 8.26 -42.90 1.52
CA ARG E 80 9.30 -43.46 2.38
C ARG E 80 8.66 -44.34 3.43
N PHE E 81 9.48 -45.08 4.18
CA PHE E 81 9.01 -45.83 5.33
C PHE E 81 9.64 -45.18 6.58
N ILE E 82 8.81 -44.69 7.52
CA ILE E 82 9.34 -44.00 8.72
C ILE E 82 9.47 -45.04 9.85
N ILE E 83 10.67 -45.17 10.39
CA ILE E 83 10.94 -46.17 11.44
C ILE E 83 11.68 -45.55 12.64
N ASP E 84 11.22 -45.87 13.84
CA ASP E 84 11.88 -45.44 15.04
C ASP E 84 13.20 -46.26 15.20
N ILE E 85 14.29 -45.56 15.48
CA ILE E 85 15.58 -46.26 15.68
C ILE E 85 15.47 -47.31 16.81
N ASP E 86 14.56 -47.11 17.77
CA ASP E 86 14.34 -48.06 18.86
C ASP E 86 13.16 -49.04 18.64
N ASP E 87 12.63 -49.10 17.41
CA ASP E 87 11.70 -50.16 17.05
C ASP E 87 12.42 -51.53 17.25
N PRO E 88 11.85 -52.46 18.05
CA PRO E 88 12.44 -53.83 18.19
C PRO E 88 12.72 -54.52 16.84
N LEU E 89 11.97 -54.18 15.79
CA LEU E 89 12.18 -54.80 14.48
C LEU E 89 13.25 -54.15 13.64
N PHE E 90 13.88 -53.10 14.14
CA PHE E 90 14.90 -52.34 13.34
C PHE E 90 15.99 -53.27 12.79
N PRO E 91 16.55 -54.14 13.65
CA PRO E 91 17.60 -55.06 13.17
C PRO E 91 17.10 -56.07 12.13
N THR E 92 15.82 -56.42 12.21
CA THR E 92 15.21 -57.36 11.26
C THR E 92 14.93 -56.70 9.91
N LEU E 93 14.39 -55.48 9.95
CA LEU E 93 14.06 -54.74 8.73
C LEU E 93 15.24 -54.10 8.08
N LEU E 94 16.28 -53.79 8.87
CA LEU E 94 17.54 -53.26 8.35
C LEU E 94 18.75 -54.14 8.72
N PRO E 95 18.81 -55.36 8.14
CA PRO E 95 19.77 -56.32 8.71
C PRO E 95 21.21 -55.93 8.36
N HIS E 96 21.41 -55.06 7.37
CA HIS E 96 22.77 -54.63 7.04
C HIS E 96 23.21 -53.48 7.98
N PHE E 97 22.27 -52.96 8.80
CA PHE E 97 22.56 -51.87 9.75
C PHE E 97 22.08 -52.30 11.15
N ALA E 98 22.25 -53.58 11.43
CA ALA E 98 21.75 -54.24 12.63
C ALA E 98 22.28 -53.61 13.94
N ASP E 99 23.47 -53.02 13.89
CA ASP E 99 24.09 -52.39 15.08
C ASP E 99 23.60 -50.96 15.24
N LYS E 100 22.82 -50.53 14.25
CA LYS E 100 22.32 -49.16 14.16
C LYS E 100 23.38 -48.07 14.18
N SER E 101 24.57 -48.35 13.66
CA SER E 101 25.51 -47.28 13.34
C SER E 101 25.57 -47.22 11.81
N ALA E 102 26.47 -46.41 11.30
CA ALA E 102 26.54 -46.13 9.88
C ALA E 102 25.20 -45.55 9.46
N LEU E 103 24.61 -44.73 10.34
CA LEU E 103 23.44 -43.88 9.97
C LEU E 103 23.93 -42.45 9.80
N VAL E 104 23.35 -41.71 8.86
CA VAL E 104 23.74 -40.32 8.69
C VAL E 104 22.60 -39.45 9.18
N TRP E 105 22.81 -38.81 10.33
CA TRP E 105 21.81 -37.93 10.94
C TRP E 105 21.81 -36.57 10.26
N MSE E 106 20.65 -36.00 10.00
CA MSE E 106 20.62 -34.67 9.36
C MSE E 106 20.15 -33.66 10.39
O MSE E 106 19.61 -34.06 11.40
CB MSE E 106 19.71 -34.68 8.14
CG MSE E 106 19.84 -35.94 7.27
SE MSE E 106 21.57 -35.95 6.43
CE MSE E 106 21.46 -37.43 5.18
N GLU E 107 20.34 -32.36 10.13
CA GLU E 107 19.93 -31.34 11.11
C GLU E 107 18.44 -31.31 11.40
N GLU E 108 17.62 -31.76 10.42
CA GLU E 108 16.17 -31.82 10.60
C GLU E 108 15.77 -32.87 11.63
N GLY E 109 16.69 -33.75 12.02
CA GLY E 109 16.43 -34.74 13.06
C GLY E 109 15.93 -36.09 12.53
N TYR E 110 16.36 -36.46 11.33
CA TYR E 110 16.13 -37.83 10.83
C TYR E 110 17.46 -38.33 10.30
N ALA E 111 17.55 -39.62 10.05
CA ALA E 111 18.73 -40.19 9.49
C ALA E 111 18.40 -41.03 8.28
N ARG E 112 19.35 -41.04 7.35
CA ARG E 112 19.39 -42.08 6.34
C ARG E 112 20.57 -43.01 6.63
N VAL E 113 20.55 -44.23 6.10
CA VAL E 113 21.71 -45.13 6.19
C VAL E 113 22.89 -44.56 5.38
N ASP E 114 24.09 -44.94 5.78
CA ASP E 114 25.27 -44.61 4.99
C ASP E 114 25.35 -45.65 3.87
N PHE E 115 25.13 -45.24 2.63
CA PHE E 115 25.12 -46.18 1.52
C PHE E 115 26.50 -46.78 1.18
N GLU E 116 27.58 -46.13 1.63
CA GLU E 116 28.94 -46.72 1.50
C GLU E 116 28.98 -48.15 2.02
N ARG E 117 28.29 -48.40 3.14
CA ARG E 117 28.27 -49.74 3.76
C ARG E 117 27.65 -50.87 2.89
N ILE E 118 26.75 -50.54 1.98
CA ILE E 118 26.08 -51.55 1.14
C ILE E 118 26.42 -51.32 -0.33
N LYS E 119 27.41 -50.47 -0.59
CA LYS E 119 27.97 -50.34 -1.93
C LYS E 119 28.19 -51.74 -2.51
N GLY E 120 27.82 -51.96 -3.76
CA GLY E 120 28.03 -53.31 -4.29
C GLY E 120 26.86 -54.27 -4.14
N GLU E 121 25.98 -54.06 -3.14
CA GLU E 121 24.78 -54.89 -3.00
C GLU E 121 23.87 -54.85 -4.24
N SER E 122 23.01 -55.85 -4.38
CA SER E 122 21.99 -55.84 -5.43
C SER E 122 21.07 -54.59 -5.43
N SER E 123 20.51 -54.27 -6.60
CA SER E 123 19.58 -53.16 -6.75
C SER E 123 18.39 -53.19 -5.79
N PRO E 124 17.78 -54.37 -5.61
CA PRO E 124 16.63 -54.43 -4.69
C PRO E 124 17.05 -54.10 -3.28
N ILE E 125 18.29 -54.40 -2.91
CA ILE E 125 18.79 -54.09 -1.54
C ILE E 125 18.99 -52.57 -1.41
N LEU E 126 19.56 -51.95 -2.44
CA LEU E 126 19.67 -50.50 -2.45
C LEU E 126 18.27 -49.83 -2.30
N GLU E 127 17.27 -50.38 -2.98
CA GLU E 127 15.91 -49.81 -3.00
C GLU E 127 15.32 -49.88 -1.60
N LEU E 128 15.52 -51.02 -0.95
CA LEU E 128 15.05 -51.21 0.39
C LEU E 128 15.61 -50.09 1.28
N TYR E 129 16.92 -49.88 1.25
CA TYR E 129 17.55 -48.92 2.20
C TYR E 129 17.25 -47.45 1.87
N GLU E 130 17.10 -47.12 0.58
CA GLU E 130 16.66 -45.76 0.13
C GLU E 130 15.27 -45.42 0.68
N SER E 131 14.53 -46.45 1.09
CA SER E 131 13.15 -46.29 1.65
C SER E 131 13.13 -45.66 3.04
N PHE E 132 14.12 -45.99 3.89
CA PHE E 132 13.96 -45.70 5.31
C PHE E 132 14.27 -44.29 5.70
N VAL E 133 13.37 -43.73 6.49
CA VAL E 133 13.62 -42.49 7.20
C VAL E 133 13.68 -42.88 8.67
N VAL E 134 14.87 -42.76 9.27
CA VAL E 134 15.06 -43.17 10.70
C VAL E 134 14.85 -42.00 11.62
N VAL E 135 14.00 -42.18 12.64
CA VAL E 135 13.71 -41.10 13.60
C VAL E 135 13.90 -41.60 15.03
N ARG E 136 13.95 -40.65 15.98
CA ARG E 136 14.17 -40.96 17.40
C ARG E 136 12.88 -40.81 18.19
N PHE E 137 11.79 -41.36 17.65
CA PHE E 137 10.51 -41.37 18.36
C PHE E 137 9.67 -42.44 17.70
N VAL E 138 8.67 -42.88 18.41
CA VAL E 138 7.67 -43.76 17.83
C VAL E 138 6.80 -42.91 16.86
N PRO E 139 6.71 -43.34 15.59
CA PRO E 139 6.13 -42.43 14.59
C PRO E 139 4.59 -42.43 14.59
N THR E 140 3.99 -42.12 15.74
CA THR E 140 2.57 -41.87 15.86
C THR E 140 2.28 -40.53 15.20
N SER E 141 1.02 -40.27 14.88
CA SER E 141 0.61 -38.95 14.37
C SER E 141 0.95 -37.80 15.29
N GLU E 142 0.72 -37.97 16.58
CA GLU E 142 1.10 -36.91 17.54
C GLU E 142 2.61 -36.65 17.47
N SER E 143 3.41 -37.70 17.37
CA SER E 143 4.87 -37.57 17.35
C SER E 143 5.40 -36.89 16.09
N ILE E 144 4.83 -37.27 14.93
CA ILE E 144 5.18 -36.65 13.66
C ILE E 144 4.85 -35.17 13.71
N ALA E 145 3.64 -34.86 14.13
CA ALA E 145 3.23 -33.47 14.29
C ALA E 145 4.20 -32.71 15.23
N SER E 146 4.45 -33.25 16.44
CA SER E 146 5.43 -32.63 17.34
C SER E 146 6.76 -32.34 16.64
N TRP E 147 7.28 -33.34 15.90
CA TRP E 147 8.58 -33.23 15.22
C TRP E 147 8.56 -32.15 14.12
N LEU E 148 7.48 -32.13 13.35
CA LEU E 148 7.37 -31.13 12.26
C LEU E 148 7.27 -29.70 12.84
N LEU E 149 6.47 -29.56 13.91
CA LEU E 149 6.43 -28.34 14.71
C LEU E 149 7.84 -27.90 15.12
N GLU E 150 8.60 -28.81 15.74
CA GLU E 150 9.99 -28.51 16.08
C GLU E 150 10.82 -28.00 14.92
N LEU E 151 10.83 -28.73 13.79
CA LEU E 151 11.56 -28.27 12.61
C LEU E 151 11.10 -26.85 12.17
N LEU E 152 9.79 -26.62 12.09
CA LEU E 152 9.25 -25.32 11.67
C LEU E 152 9.65 -24.15 12.61
N ARG E 153 9.49 -24.34 13.93
CA ARG E 153 9.93 -23.33 14.88
C ARG E 153 11.40 -23.01 14.68
N SER E 154 12.20 -24.03 14.39
CA SER E 154 13.63 -23.79 14.34
C SER E 154 14.03 -22.99 13.08
N ARG E 155 13.22 -23.07 12.04
CA ARG E 155 13.50 -22.44 10.76
C ARG E 155 12.79 -21.10 10.48
N ILE E 156 11.60 -20.91 11.03
CA ILE E 156 10.70 -19.81 10.65
C ILE E 156 11.05 -18.47 11.36
N GLN E 157 11.94 -18.53 12.34
CA GLN E 157 12.20 -17.33 13.15
C GLN E 157 12.65 -16.09 12.35
N PRO E 158 13.51 -16.26 11.30
CA PRO E 158 13.85 -15.04 10.53
C PRO E 158 12.71 -14.35 9.79
N LEU E 159 11.52 -14.97 9.74
CA LEU E 159 10.38 -14.36 9.09
C LEU E 159 9.55 -13.53 10.06
N GLY E 160 9.85 -13.60 11.35
CA GLY E 160 9.15 -12.79 12.33
C GLY E 160 7.70 -13.18 12.54
N VAL E 161 7.40 -14.47 12.39
CA VAL E 161 6.09 -14.97 12.71
C VAL E 161 6.31 -16.19 13.59
N LYS E 162 5.25 -16.58 14.28
CA LYS E 162 5.24 -17.71 15.18
C LYS E 162 4.56 -18.94 14.53
N VAL E 163 5.10 -20.13 14.79
CA VAL E 163 4.35 -21.33 14.46
C VAL E 163 3.40 -21.65 15.58
N SER E 164 2.11 -21.38 15.37
CA SER E 164 1.16 -21.53 16.45
C SER E 164 0.76 -23.01 16.71
N SER E 165 0.57 -23.79 15.65
CA SER E 165 0.34 -25.24 15.80
C SER E 165 0.61 -25.96 14.50
N VAL E 166 0.76 -27.27 14.62
CA VAL E 166 0.89 -28.12 13.43
C VAL E 166 -0.17 -29.21 13.60
N GLU E 167 -0.96 -29.44 12.54
CA GLU E 167 -1.89 -30.59 12.47
C GLU E 167 -1.27 -31.66 11.60
N PHE E 168 -1.44 -32.93 11.99
CA PHE E 168 -1.02 -34.04 11.14
C PHE E 168 -2.19 -35.04 11.05
N LEU E 169 -2.68 -35.23 9.82
CA LEU E 169 -3.86 -36.03 9.55
C LEU E 169 -3.34 -37.41 9.20
N GLU E 170 -3.76 -38.39 9.99
CA GLU E 170 -3.35 -39.77 9.80
C GLU E 170 -4.25 -40.42 8.72
N THR E 171 -5.55 -40.15 8.82
CA THR E 171 -6.52 -40.52 7.81
C THR E 171 -7.41 -39.30 7.59
N PRO E 172 -8.32 -39.36 6.59
CA PRO E 172 -9.32 -38.28 6.46
C PRO E 172 -10.13 -38.12 7.75
N LYS E 173 -10.30 -39.21 8.51
CA LYS E 173 -11.19 -39.16 9.67
C LYS E 173 -10.51 -38.83 11.01
N SER E 174 -9.18 -38.90 11.06
CA SER E 174 -8.50 -38.79 12.34
C SER E 174 -7.19 -38.03 12.27
N ARG E 175 -6.98 -37.15 13.25
CA ARG E 175 -5.80 -36.30 13.20
CA ARG E 175 -5.82 -36.26 13.20
C ARG E 175 -5.24 -35.90 14.57
N ALA E 176 -4.01 -35.45 14.56
CA ALA E 176 -3.34 -34.97 15.76
C ALA E 176 -3.11 -33.46 15.57
N ARG E 177 -3.02 -32.73 16.67
CA ARG E 177 -2.62 -31.32 16.58
C ARG E 177 -1.73 -31.01 17.78
N VAL E 178 -0.62 -30.29 17.56
CA VAL E 178 0.26 -29.88 18.66
C VAL E 178 0.27 -28.34 18.62
N TYR E 179 -0.11 -27.72 19.73
CA TYR E 179 -0.07 -26.25 19.84
C TYR E 179 1.15 -25.77 20.55
N ASN E 180 1.73 -24.72 20.00
CA ASN E 180 2.83 -24.01 20.59
C ASN E 180 2.22 -22.84 21.44
N GLU E 181 1.98 -23.07 22.74
CA GLU E 181 1.31 -22.04 23.59
C GLU E 181 2.28 -21.05 24.25
N SER F 2 0.22 9.22 -17.76
CA SER F 2 1.12 8.29 -17.02
C SER F 2 1.93 9.16 -16.03
N LEU F 3 2.58 8.57 -15.03
CA LEU F 3 3.27 9.41 -14.04
C LEU F 3 4.78 9.52 -14.33
N ILE F 4 5.35 10.72 -14.14
CA ILE F 4 6.81 10.90 -14.22
C ILE F 4 7.26 11.46 -12.88
N TYR F 5 8.31 10.88 -12.33
CA TYR F 5 8.81 11.27 -11.00
C TYR F 5 10.14 11.98 -11.16
N GLN F 6 10.29 13.15 -10.54
CA GLN F 6 11.60 13.80 -10.52
C GLN F 6 11.97 14.18 -9.11
N ILE F 7 13.26 14.30 -8.87
CA ILE F 7 13.79 15.02 -7.75
C ILE F 7 14.77 16.10 -8.24
N ALA F 8 14.93 17.19 -7.47
CA ALA F 8 15.90 18.20 -7.83
C ALA F 8 16.67 18.58 -6.56
N LYS F 9 17.98 18.75 -6.70
CA LYS F 9 18.83 19.27 -5.62
C LYS F 9 19.68 20.44 -6.11
N GLU F 10 19.87 21.42 -5.20
CA GLU F 10 20.66 22.65 -5.37
C GLU F 10 22.04 22.51 -4.71
N PHE F 11 23.06 23.06 -5.38
CA PHE F 11 24.45 23.02 -4.89
C PHE F 11 24.93 24.43 -5.15
N ASP F 12 25.44 25.08 -4.09
CA ASP F 12 25.90 26.48 -4.20
C ASP F 12 27.44 26.63 -4.26
N PHE F 13 27.95 27.55 -5.04
CA PHE F 13 29.38 27.89 -4.94
C PHE F 13 29.60 29.32 -5.42
N CYS F 14 30.75 29.90 -5.02
CA CYS F 14 31.12 31.24 -5.42
CA CYS F 14 31.07 31.22 -5.49
C CYS F 14 32.31 31.14 -6.37
N TYR F 15 32.34 31.97 -7.40
CA TYR F 15 33.45 31.91 -8.38
C TYR F 15 33.69 33.28 -9.02
N GLY F 16 34.89 33.46 -9.59
CA GLY F 16 35.08 34.59 -10.51
C GLY F 16 35.11 34.08 -11.95
N HIS F 17 34.82 34.95 -12.90
CA HIS F 17 35.03 34.57 -14.31
C HIS F 17 34.97 35.85 -15.12
N ARG F 18 35.19 35.72 -16.43
CA ARG F 18 34.66 36.75 -17.31
C ARG F 18 34.17 36.06 -18.57
N VAL F 19 33.21 36.69 -19.20
CA VAL F 19 32.73 36.24 -20.50
C VAL F 19 33.41 37.05 -21.60
N TRP F 20 34.52 36.53 -22.11
CA TRP F 20 35.42 37.31 -22.96
C TRP F 20 34.84 37.71 -24.33
N SER F 21 33.85 36.95 -24.82
CA SER F 21 33.39 37.12 -26.18
C SER F 21 32.05 37.86 -26.25
N GLN F 22 31.53 38.32 -25.10
CA GLN F 22 30.24 38.96 -25.04
C GLN F 22 30.03 40.04 -26.13
N GLU F 23 28.96 39.89 -26.92
CA GLU F 23 28.52 40.90 -27.88
C GLU F 23 27.08 41.31 -27.60
N LEU F 24 26.80 42.61 -27.71
CA LEU F 24 25.44 43.11 -27.52
C LEU F 24 24.84 43.75 -28.79
N ASN F 25 23.53 43.62 -28.93
CA ASN F 25 22.74 44.38 -29.89
C ASN F 25 22.11 45.52 -29.08
N PRO F 26 22.58 46.76 -29.33
CA PRO F 26 22.20 47.90 -28.47
C PRO F 26 20.74 48.33 -28.60
N ASP F 27 20.08 47.91 -29.68
CA ASP F 27 18.63 48.13 -29.81
C ASP F 27 17.88 47.44 -28.67
N PHE F 28 18.47 46.35 -28.15
CA PHE F 28 17.81 45.55 -27.14
C PHE F 28 18.38 45.79 -25.76
N SER F 29 19.71 45.89 -25.67
CA SER F 29 20.38 46.17 -24.41
C SER F 29 20.28 47.64 -23.96
N LEU F 30 20.06 48.54 -24.92
CA LEU F 30 20.01 49.99 -24.69
C LEU F 30 21.37 50.64 -24.45
N ASP F 31 22.25 49.93 -23.78
CA ASP F 31 23.59 50.39 -23.43
C ASP F 31 24.59 49.43 -24.10
N PRO F 32 25.57 49.95 -24.88
CA PRO F 32 26.50 49.07 -25.61
C PRO F 32 27.66 48.50 -24.76
N CYS F 33 27.86 48.99 -23.54
CA CYS F 33 28.94 48.47 -22.67
C CYS F 33 28.92 46.93 -22.44
N LEU F 34 30.03 46.30 -22.81
CA LEU F 34 30.25 44.88 -22.63
C LEU F 34 30.82 44.57 -21.23
N SER F 35 30.00 44.88 -20.22
CA SER F 35 30.37 44.65 -18.82
C SER F 35 30.68 43.21 -18.44
N CYS F 36 30.13 42.19 -19.14
CA CYS F 36 30.57 40.79 -18.87
C CYS F 36 32.04 40.47 -19.32
N ARG F 37 32.65 41.36 -20.11
CA ARG F 37 34.05 41.19 -20.45
C ARG F 37 34.98 41.62 -19.29
N HIS F 38 34.46 42.34 -18.31
CA HIS F 38 35.24 42.65 -17.09
C HIS F 38 35.45 41.43 -16.24
N LEU F 39 36.60 41.35 -15.57
CA LEU F 39 36.78 40.35 -14.54
C LEU F 39 35.72 40.64 -13.46
N HIS F 40 34.93 39.62 -13.08
CA HIS F 40 33.98 39.77 -11.99
C HIS F 40 33.72 38.43 -11.33
N GLY F 41 32.54 38.27 -10.73
CA GLY F 41 32.28 37.07 -9.97
C GLY F 41 30.84 36.94 -9.71
N HIS F 42 30.48 35.80 -9.12
CA HIS F 42 29.08 35.45 -8.86
C HIS F 42 28.93 34.49 -7.69
N GLN F 43 27.75 34.51 -7.11
CA GLN F 43 27.25 33.37 -6.34
C GLN F 43 26.45 32.44 -7.28
N GLY F 44 26.96 31.26 -7.56
CA GLY F 44 26.33 30.37 -8.51
C GLY F 44 25.53 29.29 -7.77
N LYS F 45 24.46 28.82 -8.43
CA LYS F 45 23.65 27.76 -7.88
C LYS F 45 23.38 26.84 -9.05
N VAL F 46 23.70 25.55 -8.86
CA VAL F 46 23.37 24.47 -9.81
C VAL F 46 22.18 23.70 -9.22
N ILE F 47 21.17 23.43 -10.06
CA ILE F 47 20.07 22.60 -9.66
C ILE F 47 20.08 21.44 -10.64
N VAL F 48 20.15 20.23 -10.09
CA VAL F 48 20.24 18.98 -10.85
C VAL F 48 18.91 18.24 -10.74
N HIS F 49 18.26 18.00 -11.89
CA HIS F 49 16.94 17.37 -11.90
C HIS F 49 17.14 15.94 -12.41
N LEU F 50 16.71 14.95 -11.60
CA LEU F 50 16.81 13.54 -12.01
C LEU F 50 15.41 12.99 -12.18
N GLU F 51 15.26 11.96 -12.99
CA GLU F 51 13.93 11.53 -13.43
C GLU F 51 13.87 10.03 -13.54
N SER F 52 12.76 9.43 -13.13
CA SER F 52 12.50 8.00 -13.29
C SER F 52 11.05 7.81 -13.71
N ARG F 53 10.69 6.61 -14.16
CA ARG F 53 9.30 6.34 -14.51
C ARG F 53 8.61 5.56 -13.44
N GLU F 54 9.35 5.16 -12.41
CA GLU F 54 8.69 4.56 -11.26
C GLU F 54 9.50 4.88 -10.02
N LEU F 55 8.91 4.73 -8.83
CA LEU F 55 9.70 4.87 -7.60
C LEU F 55 10.26 3.56 -7.12
N GLN F 56 11.43 3.58 -6.51
CA GLN F 56 11.99 2.37 -5.90
C GLN F 56 12.19 2.65 -4.41
N ARG F 57 11.62 1.83 -3.52
CA ARG F 57 11.56 2.17 -2.05
C ARG F 57 11.09 3.65 -1.86
N GLY F 58 10.06 4.03 -2.62
CA GLY F 58 9.53 5.36 -2.62
C GLY F 58 10.42 6.47 -3.14
N MSE F 59 11.50 6.16 -3.86
CA MSE F 59 12.41 7.19 -4.31
C MSE F 59 12.66 7.17 -5.81
O MSE F 59 12.59 6.09 -6.44
CB MSE F 59 13.72 6.99 -3.58
CG MSE F 59 13.60 7.19 -2.10
SE MSE F 59 15.40 7.27 -1.36
CE MSE F 59 14.94 7.56 0.47
N VAL F 60 12.94 8.34 -6.39
CA VAL F 60 13.61 8.38 -7.69
C VAL F 60 15.00 7.70 -7.47
N THR F 61 15.84 8.36 -6.70
CA THR F 61 17.08 7.79 -6.14
C THR F 61 17.31 8.64 -4.86
N ASP F 62 18.01 8.12 -3.85
CA ASP F 62 18.30 8.93 -2.66
C ASP F 62 18.95 10.29 -2.99
N PHE F 63 18.46 11.34 -2.32
CA PHE F 63 19.05 12.68 -2.44
C PHE F 63 20.56 12.63 -2.22
N ALA F 64 20.99 11.80 -1.25
CA ALA F 64 22.40 11.64 -0.95
C ALA F 64 23.24 11.05 -2.06
N HIS F 65 22.62 10.57 -3.13
CA HIS F 65 23.40 9.91 -4.19
C HIS F 65 24.08 10.94 -5.10
N LEU F 66 23.89 12.22 -4.75
CA LEU F 66 24.59 13.27 -5.48
C LEU F 66 25.72 13.83 -4.61
N ASN F 67 26.14 13.08 -3.60
CA ASN F 67 27.03 13.63 -2.57
C ASN F 67 28.40 13.86 -3.20
N TRP F 68 28.72 13.01 -4.16
CA TRP F 68 29.96 13.06 -4.93
C TRP F 68 30.06 14.29 -5.85
N PHE F 69 28.90 14.73 -6.35
CA PHE F 69 28.78 15.89 -7.20
C PHE F 69 28.93 17.12 -6.33
N LYS F 70 28.32 17.08 -5.14
CA LYS F 70 28.53 18.16 -4.18
C LYS F 70 30.01 18.33 -3.91
N ARG F 71 30.71 17.20 -3.77
CA ARG F 71 32.14 17.20 -3.48
C ARG F 71 32.92 17.77 -4.65
N PHE F 72 32.54 17.42 -5.87
CA PHE F 72 33.14 18.01 -7.08
C PHE F 72 32.98 19.54 -7.08
N ILE F 73 31.75 20.02 -6.86
CA ILE F 73 31.52 21.45 -6.78
C ILE F 73 32.43 22.05 -5.68
N ASP F 74 32.42 21.46 -4.49
CA ASP F 74 33.10 22.04 -3.33
C ASP F 74 34.62 22.11 -3.50
N GLU F 75 35.19 21.03 -4.08
CA GLU F 75 36.63 20.84 -4.13
C GLU F 75 37.26 21.32 -5.42
N VAL F 76 36.43 21.52 -6.46
CA VAL F 76 36.98 21.92 -7.74
C VAL F 76 36.62 23.36 -8.16
N LEU F 77 35.36 23.75 -7.93
CA LEU F 77 34.88 25.04 -8.45
C LEU F 77 34.70 26.15 -7.42
N ASP F 78 34.34 25.80 -6.19
CA ASP F 78 34.13 26.81 -5.18
C ASP F 78 35.41 27.61 -4.83
N HIS F 79 35.27 28.92 -4.80
CA HIS F 79 36.36 29.87 -4.55
C HIS F 79 37.46 29.78 -5.58
N ARG F 80 37.04 29.74 -6.85
CA ARG F 80 37.99 29.66 -7.92
C ARG F 80 37.63 30.74 -8.96
N PHE F 81 38.55 30.93 -9.89
CA PHE F 81 38.32 31.72 -11.05
C PHE F 81 38.30 30.76 -12.27
N ILE F 82 37.18 30.76 -12.98
CA ILE F 82 37.01 29.88 -14.12
C ILE F 82 37.37 30.69 -15.38
N ILE F 83 38.33 30.18 -16.13
CA ILE F 83 38.79 30.87 -17.29
C ILE F 83 38.80 29.93 -18.50
N ASP F 84 38.28 30.43 -19.62
CA ASP F 84 38.38 29.74 -20.93
C ASP F 84 39.86 29.70 -21.43
N ILE F 85 40.34 28.51 -21.81
CA ILE F 85 41.69 28.40 -22.43
C ILE F 85 41.87 29.30 -23.69
N ASP F 86 40.76 29.62 -24.37
CA ASP F 86 40.78 30.52 -25.53
C ASP F 86 40.61 31.98 -25.18
N ASP F 87 40.41 32.31 -23.90
CA ASP F 87 40.33 33.71 -23.51
C ASP F 87 41.63 34.39 -23.95
N PRO F 88 41.54 35.51 -24.70
CA PRO F 88 42.80 36.14 -25.13
C PRO F 88 43.62 36.74 -24.00
N LEU F 89 43.02 36.85 -22.82
CA LEU F 89 43.75 37.31 -21.67
C LEU F 89 44.47 36.15 -21.00
N PHE F 90 44.28 34.91 -21.49
CA PHE F 90 44.96 33.74 -20.86
C PHE F 90 46.48 33.97 -20.58
N PRO F 91 47.29 34.39 -21.60
CA PRO F 91 48.72 34.57 -21.34
C PRO F 91 49.03 35.83 -20.54
N THR F 92 48.06 36.74 -20.40
CA THR F 92 48.23 37.90 -19.51
C THR F 92 47.98 37.46 -18.07
N LEU F 93 46.95 36.65 -17.84
CA LEU F 93 46.61 36.27 -16.46
C LEU F 93 47.38 35.09 -15.96
N LEU F 94 47.87 34.28 -16.89
CA LEU F 94 48.62 33.07 -16.54
C LEU F 94 49.97 33.12 -17.30
N PRO F 95 50.79 34.15 -17.00
CA PRO F 95 51.98 34.36 -17.84
C PRO F 95 53.00 33.24 -17.72
N HIS F 96 53.03 32.56 -16.57
CA HIS F 96 53.93 31.42 -16.46
C HIS F 96 53.47 30.22 -17.32
N PHE F 97 52.22 30.25 -17.84
CA PHE F 97 51.70 29.08 -18.61
C PHE F 97 51.17 29.45 -20.01
N ALA F 98 51.74 30.50 -20.62
CA ALA F 98 51.30 31.01 -21.94
C ALA F 98 51.48 30.02 -23.11
N ASP F 99 52.40 29.08 -22.98
CA ASP F 99 52.55 28.12 -24.06
C ASP F 99 51.57 26.96 -23.92
N LYS F 100 50.83 26.94 -22.82
CA LYS F 100 49.72 26.00 -22.61
C LYS F 100 50.20 24.56 -22.64
N SER F 101 51.45 24.36 -22.30
CA SER F 101 52.02 23.03 -22.34
C SER F 101 51.90 22.34 -20.98
N ALA F 102 51.96 23.13 -19.91
CA ALA F 102 52.02 22.57 -18.56
C ALA F 102 50.67 22.74 -17.83
N LEU F 103 49.60 22.21 -18.44
CA LEU F 103 48.29 22.17 -17.80
C LEU F 103 47.99 20.73 -17.59
N VAL F 104 47.27 20.43 -16.51
CA VAL F 104 46.99 19.05 -16.19
C VAL F 104 45.48 18.87 -16.35
N TRP F 105 45.06 18.21 -17.44
CA TRP F 105 43.62 17.97 -17.79
C TRP F 105 43.05 16.81 -17.00
N MSE F 106 41.88 17.03 -16.39
CA MSE F 106 41.27 16.04 -15.52
C MSE F 106 40.16 15.36 -16.27
O MSE F 106 39.73 15.80 -17.32
CB MSE F 106 40.76 16.70 -14.25
CG MSE F 106 41.78 17.68 -13.69
SE MSE F 106 43.41 16.74 -13.09
CE MSE F 106 44.24 18.24 -12.15
N GLU F 107 39.70 14.22 -15.74
CA GLU F 107 38.67 13.42 -16.44
C GLU F 107 37.39 14.23 -16.68
N GLU F 108 37.08 15.17 -15.78
CA GLU F 108 35.85 15.95 -15.89
C GLU F 108 35.91 17.04 -16.98
N GLY F 109 37.06 17.17 -17.61
CA GLY F 109 37.26 18.15 -18.67
C GLY F 109 37.77 19.54 -18.28
N TYR F 110 38.26 19.72 -17.06
CA TYR F 110 38.89 21.01 -16.73
C TYR F 110 40.36 20.75 -16.54
N ALA F 111 41.14 21.83 -16.49
CA ALA F 111 42.57 21.71 -16.17
C ALA F 111 42.96 22.58 -14.97
N ARG F 112 44.02 22.18 -14.30
CA ARG F 112 44.73 23.06 -13.35
C ARG F 112 46.14 23.18 -13.92
N VAL F 113 46.87 24.24 -13.57
CA VAL F 113 48.27 24.36 -14.00
C VAL F 113 49.14 23.24 -13.35
N ASP F 114 50.26 22.91 -13.98
CA ASP F 114 51.21 21.99 -13.35
C ASP F 114 52.06 22.82 -12.38
N PHE F 115 51.82 22.61 -11.09
CA PHE F 115 52.49 23.36 -10.06
C PHE F 115 54.00 23.11 -9.96
N GLU F 116 54.48 22.01 -10.53
CA GLU F 116 55.93 21.77 -10.61
C GLU F 116 56.62 22.91 -11.36
N ARG F 117 55.95 23.47 -12.36
CA ARG F 117 56.56 24.57 -13.10
C ARG F 117 56.76 25.85 -12.30
N ILE F 118 56.01 26.03 -11.21
CA ILE F 118 56.10 27.26 -10.45
C ILE F 118 56.62 27.04 -9.01
N LYS F 119 57.16 25.85 -8.76
CA LYS F 119 57.84 25.55 -7.51
C LYS F 119 58.78 26.71 -7.17
N GLY F 120 58.76 27.15 -5.91
CA GLY F 120 59.68 28.20 -5.49
C GLY F 120 59.38 29.61 -5.99
N GLU F 121 58.25 29.82 -6.69
CA GLU F 121 57.68 31.16 -6.85
C GLU F 121 57.16 31.64 -5.49
N SER F 122 56.90 32.94 -5.34
CA SER F 122 56.34 33.48 -4.08
C SER F 122 54.97 32.88 -3.71
N SER F 123 54.59 32.97 -2.43
CA SER F 123 53.29 32.46 -2.00
C SER F 123 52.09 33.16 -2.72
N PRO F 124 52.17 34.50 -2.93
CA PRO F 124 51.08 35.14 -3.66
C PRO F 124 50.90 34.57 -5.07
N ILE F 125 52.01 34.23 -5.73
CA ILE F 125 51.95 33.65 -7.03
C ILE F 125 51.37 32.23 -6.99
N LEU F 126 51.73 31.44 -5.99
CA LEU F 126 51.10 30.14 -5.82
C LEU F 126 49.56 30.27 -5.62
N GLU F 127 49.15 31.28 -4.86
CA GLU F 127 47.74 31.48 -4.56
C GLU F 127 46.98 31.87 -5.82
N LEU F 128 47.58 32.74 -6.62
CA LEU F 128 47.03 33.11 -7.90
C LEU F 128 46.78 31.85 -8.74
N TYR F 129 47.80 31.03 -8.97
CA TYR F 129 47.63 29.86 -9.83
C TYR F 129 46.67 28.79 -9.28
N GLU F 130 46.64 28.63 -7.96
CA GLU F 130 45.71 27.69 -7.34
C GLU F 130 44.26 28.12 -7.63
N SER F 131 44.07 29.40 -7.97
CA SER F 131 42.74 30.00 -8.21
C SER F 131 42.11 29.50 -9.52
N PHE F 132 42.93 29.17 -10.52
CA PHE F 132 42.39 28.95 -11.89
C PHE F 132 41.85 27.58 -12.15
N VAL F 133 40.59 27.53 -12.61
CA VAL F 133 40.01 26.32 -13.21
C VAL F 133 39.94 26.58 -14.71
N VAL F 134 40.70 25.83 -15.53
CA VAL F 134 40.75 26.13 -16.98
C VAL F 134 39.76 25.21 -17.76
N VAL F 135 38.89 25.80 -18.61
CA VAL F 135 37.85 25.06 -19.27
C VAL F 135 37.97 25.29 -20.76
N ARG F 136 37.37 24.41 -21.55
CA ARG F 136 37.41 24.58 -23.00
C ARG F 136 36.08 25.11 -23.55
N PHE F 137 35.54 26.16 -22.94
CA PHE F 137 34.31 26.80 -23.39
C PHE F 137 34.30 28.15 -22.75
N VAL F 138 33.59 29.12 -23.33
CA VAL F 138 33.36 30.42 -22.68
C VAL F 138 32.45 30.21 -21.45
N PRO F 139 32.91 30.64 -20.24
CA PRO F 139 32.17 30.20 -19.04
C PRO F 139 30.91 31.04 -18.75
N THR F 140 29.95 30.97 -19.65
CA THR F 140 28.64 31.61 -19.42
C THR F 140 27.84 30.65 -18.59
N SER F 141 26.71 31.06 -18.04
CA SER F 141 25.83 30.14 -17.35
C SER F 141 25.35 28.99 -18.21
N GLU F 142 24.96 29.26 -19.46
CA GLU F 142 24.52 28.17 -20.36
C GLU F 142 25.63 27.14 -20.56
N SER F 143 26.86 27.62 -20.71
CA SER F 143 28.00 26.73 -20.89
C SER F 143 28.35 25.92 -19.70
N ILE F 144 28.28 26.51 -18.50
CA ILE F 144 28.56 25.76 -17.32
C ILE F 144 27.46 24.68 -17.10
N ALA F 145 26.18 25.07 -17.21
CA ALA F 145 25.09 24.12 -17.13
C ALA F 145 25.25 22.91 -18.13
N SER F 146 25.66 23.17 -19.39
CA SER F 146 25.90 22.11 -20.42
C SER F 146 27.04 21.24 -20.00
N TRP F 147 28.10 21.85 -19.50
CA TRP F 147 29.27 21.08 -19.06
C TRP F 147 28.92 20.17 -17.89
N LEU F 148 28.18 20.68 -16.91
CA LEU F 148 27.82 19.91 -15.72
C LEU F 148 26.81 18.81 -16.07
N LEU F 149 25.89 19.11 -17.01
CA LEU F 149 24.94 18.08 -17.46
C LEU F 149 25.72 16.87 -18.02
N GLU F 150 26.74 17.16 -18.84
CA GLU F 150 27.57 16.16 -19.47
C GLU F 150 28.23 15.24 -18.44
N LEU F 151 28.80 15.88 -17.40
CA LEU F 151 29.46 15.18 -16.29
C LEU F 151 28.48 14.25 -15.58
N LEU F 152 27.31 14.78 -15.26
CA LEU F 152 26.29 14.04 -14.55
C LEU F 152 25.80 12.83 -15.35
N ARG F 153 25.49 13.04 -16.64
CA ARG F 153 25.04 11.94 -17.47
C ARG F 153 26.07 10.81 -17.50
N SER F 154 27.33 11.16 -17.72
CA SER F 154 28.41 10.16 -17.74
C SER F 154 28.59 9.36 -16.42
N ARG F 155 27.95 9.78 -15.33
CA ARG F 155 28.16 9.18 -14.00
C ARG F 155 26.90 8.53 -13.35
N ILE F 156 25.72 9.00 -13.74
CA ILE F 156 24.45 8.62 -13.07
C ILE F 156 23.88 7.25 -13.47
N GLN F 157 24.30 6.73 -14.62
CA GLN F 157 23.79 5.46 -15.15
C GLN F 157 23.54 4.32 -14.12
N PRO F 158 24.55 3.99 -13.27
CA PRO F 158 24.33 2.88 -12.32
C PRO F 158 23.14 3.11 -11.36
N LEU F 159 22.79 4.36 -11.09
CA LEU F 159 21.58 4.70 -10.31
C LEU F 159 20.25 4.34 -11.02
N GLY F 160 20.30 4.12 -12.33
CA GLY F 160 19.11 3.76 -13.10
C GLY F 160 18.07 4.87 -13.14
N VAL F 161 18.55 6.11 -13.17
CA VAL F 161 17.70 7.29 -13.38
C VAL F 161 18.32 8.16 -14.49
N LYS F 162 17.53 9.10 -15.00
CA LYS F 162 17.96 9.98 -16.10
C LYS F 162 18.25 11.36 -15.53
N VAL F 163 19.30 12.01 -16.02
CA VAL F 163 19.46 13.45 -15.79
C VAL F 163 18.56 14.24 -16.76
N SER F 164 17.43 14.80 -16.27
CA SER F 164 16.50 15.46 -17.21
C SER F 164 16.90 16.92 -17.58
N SER F 165 17.43 17.65 -16.61
CA SER F 165 18.03 18.96 -16.89
C SER F 165 18.96 19.40 -15.78
N VAL F 166 19.78 20.39 -16.14
CA VAL F 166 20.60 21.10 -15.19
C VAL F 166 20.31 22.59 -15.31
N GLU F 167 20.03 23.23 -14.17
CA GLU F 167 19.93 24.72 -14.12
C GLU F 167 21.18 25.30 -13.52
N PHE F 168 21.52 26.51 -13.94
CA PHE F 168 22.61 27.23 -13.36
C PHE F 168 22.18 28.68 -13.16
N LEU F 169 22.00 29.09 -11.91
CA LEU F 169 21.55 30.43 -11.62
C LEU F 169 22.79 31.29 -11.34
N GLU F 170 22.97 32.31 -12.15
CA GLU F 170 24.15 33.14 -12.14
C GLU F 170 23.94 34.24 -11.12
N THR F 171 22.71 34.77 -11.09
CA THR F 171 22.26 35.65 -10.03
C THR F 171 20.87 35.16 -9.61
N PRO F 172 20.35 35.71 -8.48
CA PRO F 172 18.99 35.41 -8.03
C PRO F 172 17.96 35.72 -9.11
N LYS F 173 18.22 36.72 -9.94
CA LYS F 173 17.28 37.10 -11.02
C LYS F 173 17.49 36.52 -12.41
N SER F 174 18.63 35.87 -12.68
CA SER F 174 18.82 35.29 -14.03
C SER F 174 19.43 33.90 -13.98
N ARG F 175 18.97 33.02 -14.86
CA ARG F 175 19.43 31.64 -14.83
CA ARG F 175 19.38 31.62 -14.81
C ARG F 175 19.39 31.02 -16.19
N ALA F 176 20.14 29.95 -16.32
CA ALA F 176 20.19 29.17 -17.52
C ALA F 176 19.67 27.76 -17.20
N ARG F 177 19.09 27.11 -18.20
CA ARG F 177 18.69 25.72 -18.04
C ARG F 177 18.93 24.94 -19.33
N VAL F 178 19.48 23.75 -19.18
CA VAL F 178 19.74 22.85 -20.30
C VAL F 178 18.97 21.54 -20.08
N TYR F 179 18.05 21.20 -21.01
CA TYR F 179 17.23 20.02 -20.95
C TYR F 179 17.87 18.91 -21.78
N ASN F 180 17.86 17.73 -21.21
CA ASN F 180 18.30 16.51 -21.85
C ASN F 180 17.02 15.89 -22.38
N GLU F 181 16.71 16.16 -23.64
CA GLU F 181 15.45 15.74 -24.25
C GLU F 181 15.41 14.23 -24.48
ZN ZN G . -32.21 -29.47 10.07
ZN ZN H . -3.94 -14.82 -5.26
ZN ZN I . 13.41 13.26 5.97
ZN ZN J . -5.21 40.44 -7.23
ZN ZN K . -0.72 -45.95 11.45
ZN ZN L . 29.03 36.92 -15.20
#